data_4KRH
#
_entry.id   4KRH
#
_cell.length_a   184.542
_cell.length_b   184.542
_cell.length_c   184.542
_cell.angle_alpha   90.00
_cell.angle_beta   90.00
_cell.angle_gamma   90.00
#
_symmetry.space_group_name_H-M   'I 2 3'
#
loop_
_entity.id
_entity.type
_entity.pdbx_description
1 polymer 'Phosphoethanolamine N-methyltransferase 2'
2 non-polymer S-ADENOSYLMETHIONINE
#
_entity_poly.entity_id   1
_entity_poly.type   'polypeptide(L)'
_entity_poly.pdbx_seq_one_letter_code
;AS(MSE)PAVERQLIECLHHVIKGAEPQQVGILCPQDDQRKALTEQFGSKTATSFCKEVDSLKNLSNLDALIVNQALDEE
INDSEKLDKFITAALRSLRTDGVLILRQDLSKVKE(MSE)KK(MSE)A(MSE)LTDYFDVFRLEEGNGNVGFQFYAVNEV
LDSVYVHQNWLDFIWTL(MSE)KKPFPKDINGVVSFRDFLDRTQYTDTGIFAYEWIFGNNFISPGGWNQNLAILKRFGP
(MSE)KTGQR(MSE)LDIGVGIGGGARQAASEFGLQVHGVDLSTN(MSE)LAVALERVHKEKDARVTYAVCDACEYEFEP
NSFDYVFSRDCIQHIKDTDKLFSRIYRALKPGGKVLIT(MSE)YGVGHGTLSESFKEYVSQRQYYLKNLEQIEEIAKKTG
FIDIEVEN(MSE)TPRFKEILLEERERIEQDKETFLAKFSQNAYDGLVSGWKSKLQYIADDNHNWNFFAAVKPQ
;
_entity_poly.pdbx_strand_id   A,B
#
# COMPACT_ATOMS: atom_id res chain seq x y z
N ALA A 1 -5.26 18.38 -10.16
CA ALA A 1 -6.60 17.79 -10.20
C ALA A 1 -6.79 16.83 -9.03
N SER A 2 -7.00 17.36 -7.82
CA SER A 2 -6.99 16.53 -6.63
C SER A 2 -8.37 16.03 -6.22
N PRO A 4 -10.88 14.59 -2.67
CA PRO A 4 -11.10 14.78 -1.23
C PRO A 4 -10.13 14.03 -0.30
N ALA A 5 -9.53 12.94 -0.76
CA ALA A 5 -8.50 12.25 0.01
C ALA A 5 -7.34 13.15 0.44
N VAL A 6 -7.02 14.16 -0.36
CA VAL A 6 -5.92 15.07 -0.08
C VAL A 6 -6.17 15.92 1.16
N GLU A 7 -7.36 16.49 1.24
CA GLU A 7 -7.75 17.33 2.36
C GLU A 7 -7.78 16.54 3.66
N ARG A 8 -8.18 15.28 3.58
CA ARG A 8 -8.17 14.42 4.76
C ARG A 8 -6.74 14.22 5.27
N GLN A 9 -5.80 14.10 4.34
CA GLN A 9 -4.39 13.94 4.71
C GLN A 9 -3.83 15.18 5.36
N LEU A 10 -4.26 16.35 4.88
CA LEU A 10 -3.81 17.61 5.45
C LEU A 10 -4.20 17.69 6.91
N ILE A 11 -5.41 17.26 7.22
CA ILE A 11 -5.89 17.31 8.60
C ILE A 11 -5.18 16.26 9.45
N GLU A 12 -4.85 15.13 8.85
CA GLU A 12 -4.03 14.16 9.56
C GLU A 12 -2.67 14.73 9.93
N CYS A 13 -2.08 15.47 9.00
CA CYS A 13 -0.79 16.13 9.26
C CYS A 13 -0.90 17.08 10.44
N LEU A 14 -2.01 17.81 10.50
CA LEU A 14 -2.30 18.72 11.61
C LEU A 14 -2.37 17.95 12.93
N HIS A 15 -3.08 16.82 12.92
CA HIS A 15 -3.25 16.00 14.13
C HIS A 15 -2.00 15.30 14.66
N HIS A 16 -0.93 15.23 13.86
CA HIS A 16 0.33 14.75 14.40
C HIS A 16 0.79 15.70 15.51
N VAL A 17 0.50 16.98 15.36
CA VAL A 17 0.94 17.92 16.37
C VAL A 17 -0.07 18.16 17.49
N ILE A 18 -1.33 18.41 17.15
CA ILE A 18 -2.32 18.77 18.16
C ILE A 18 -3.11 17.58 18.73
N LYS A 19 -2.85 16.40 18.16
CA LYS A 19 -3.38 15.15 18.66
C LYS A 19 -4.91 15.11 18.65
N GLY A 20 -5.50 14.84 19.81
CA GLY A 20 -6.95 14.72 19.92
C GLY A 20 -7.64 16.06 20.11
N ALA A 21 -6.86 17.13 20.22
CA ALA A 21 -7.42 18.45 20.45
C ALA A 21 -8.15 18.91 19.21
N GLU A 22 -9.20 19.71 19.39
CA GLU A 22 -9.74 20.46 18.27
C GLU A 22 -9.36 21.91 18.38
N PRO A 23 -8.82 22.47 17.29
CA PRO A 23 -8.32 23.86 17.26
C PRO A 23 -9.47 24.84 17.39
N GLN A 24 -9.29 25.86 18.22
CA GLN A 24 -10.35 26.82 18.48
C GLN A 24 -10.54 27.78 17.31
N GLN A 25 -9.42 28.22 16.73
CA GLN A 25 -9.43 29.12 15.60
C GLN A 25 -8.54 28.59 14.49
N VAL A 26 -9.12 28.41 13.30
CA VAL A 26 -8.38 27.89 12.17
C VAL A 26 -8.45 28.86 11.00
N GLY A 27 -7.33 29.09 10.32
CA GLY A 27 -7.37 29.90 9.12
C GLY A 27 -7.08 29.01 7.95
N ILE A 28 -7.74 29.29 6.82
CA ILE A 28 -7.54 28.54 5.60
C ILE A 28 -7.26 29.45 4.43
N LEU A 29 -6.12 29.26 3.78
CA LEU A 29 -5.85 30.00 2.57
C LEU A 29 -5.86 28.99 1.43
N CYS A 30 -6.86 29.06 0.55
CA CYS A 30 -7.05 28.05 -0.50
C CYS A 30 -7.93 28.59 -1.61
N PRO A 31 -7.33 28.81 -2.79
CA PRO A 31 -8.02 29.44 -3.92
C PRO A 31 -9.05 28.56 -4.62
N GLN A 32 -8.98 27.24 -4.45
CA GLN A 32 -9.92 26.33 -5.10
C GLN A 32 -11.10 25.98 -4.19
N ASP A 33 -12.29 26.45 -4.55
CA ASP A 33 -13.45 26.38 -3.66
C ASP A 33 -13.83 24.97 -3.24
N ASP A 34 -13.76 24.01 -4.17
CA ASP A 34 -14.15 22.64 -3.85
C ASP A 34 -13.18 22.01 -2.85
N GLN A 35 -11.89 22.26 -3.05
CA GLN A 35 -10.89 21.81 -2.10
C GLN A 35 -11.08 22.52 -0.75
N ARG A 36 -11.40 23.81 -0.81
CA ARG A 36 -11.61 24.60 0.40
C ARG A 36 -12.78 24.11 1.27
N LYS A 37 -13.91 23.79 0.64
CA LYS A 37 -15.08 23.28 1.38
C LYS A 37 -14.86 21.89 1.99
N ALA A 38 -14.12 21.04 1.27
CA ALA A 38 -13.75 19.72 1.78
C ALA A 38 -12.93 19.85 3.06
N LEU A 39 -12.07 20.87 3.11
CA LEU A 39 -11.31 21.18 4.32
C LEU A 39 -12.19 21.66 5.47
N THR A 40 -13.12 22.54 5.16
CA THR A 40 -14.00 23.12 6.15
C THR A 40 -14.83 22.04 6.84
N GLU A 41 -15.33 21.09 6.06
CA GLU A 41 -16.20 20.04 6.59
C GLU A 41 -15.45 19.09 7.51
N GLN A 42 -14.12 19.19 7.50
CA GLN A 42 -13.28 18.38 8.38
C GLN A 42 -13.37 18.84 9.84
N PHE A 43 -13.86 20.05 10.05
CA PHE A 43 -13.91 20.63 11.40
C PHE A 43 -15.33 20.60 11.96
N GLY A 44 -15.46 20.52 13.29
CA GLY A 44 -16.77 20.52 13.90
C GLY A 44 -17.15 21.83 14.57
N SER A 45 -18.22 21.80 15.35
CA SER A 45 -18.83 23.02 15.88
C SER A 45 -17.99 23.70 16.95
N LYS A 46 -16.96 23.02 17.44
CA LYS A 46 -16.09 23.60 18.44
C LYS A 46 -14.98 24.43 17.82
N THR A 47 -14.95 24.49 16.49
CA THR A 47 -13.91 25.22 15.79
C THR A 47 -14.55 26.34 14.99
N ALA A 48 -14.00 27.54 15.10
CA ALA A 48 -14.41 28.64 14.25
C ALA A 48 -13.33 28.83 13.21
N THR A 49 -13.72 29.00 11.97
CA THR A 49 -12.72 29.08 10.92
C THR A 49 -12.81 30.38 10.13
N SER A 50 -11.66 31.02 9.90
CA SER A 50 -11.73 32.15 9.00
C SER A 50 -10.87 31.70 7.85
N PHE A 51 -11.34 31.95 6.65
CA PHE A 51 -10.57 31.64 5.46
C PHE A 51 -10.53 32.82 4.50
N CYS A 52 -9.46 32.86 3.70
CA CYS A 52 -9.27 33.85 2.66
C CYS A 52 -8.67 33.26 1.39
N LYS A 53 -8.69 34.05 0.32
CA LYS A 53 -8.37 33.56 -1.02
C LYS A 53 -7.14 34.20 -1.63
N GLU A 54 -6.55 35.17 -0.94
CA GLU A 54 -5.30 35.70 -1.44
C GLU A 54 -4.39 35.84 -0.22
N VAL A 55 -3.08 35.76 -0.44
CA VAL A 55 -2.14 35.73 0.67
C VAL A 55 -1.99 37.03 1.44
N ASP A 56 -2.29 38.14 0.77
CA ASP A 56 -2.19 39.47 1.37
C ASP A 56 -3.21 39.66 2.48
N SER A 57 -4.22 38.82 2.45
CA SER A 57 -5.25 38.82 3.47
C SER A 57 -4.88 38.20 4.81
N LEU A 58 -3.70 37.59 4.91
CA LEU A 58 -3.29 37.01 6.19
C LEU A 58 -3.05 38.04 7.29
N LYS A 59 -2.87 39.29 6.90
CA LYS A 59 -2.67 40.37 7.86
C LYS A 59 -3.93 40.61 8.71
N ASN A 60 -5.05 40.05 8.26
CA ASN A 60 -6.37 40.25 8.85
C ASN A 60 -6.78 39.07 9.72
N LEU A 61 -5.91 38.07 9.75
CA LEU A 61 -6.12 36.86 10.52
C LEU A 61 -5.21 36.92 11.73
N SER A 62 -5.72 36.50 12.88
CA SER A 62 -4.93 36.49 14.09
C SER A 62 -5.40 35.50 15.14
N ASN A 63 -4.53 35.25 16.12
CA ASN A 63 -4.82 34.37 17.24
C ASN A 63 -5.26 32.97 16.79
N LEU A 64 -4.67 32.50 15.68
CA LEU A 64 -5.00 31.20 15.10
C LEU A 64 -4.27 30.08 15.81
N ASP A 65 -4.96 28.96 16.01
CA ASP A 65 -4.32 27.75 16.48
C ASP A 65 -3.72 26.95 15.32
N ALA A 66 -4.27 27.14 14.13
CA ALA A 66 -3.74 26.46 12.95
C ALA A 66 -3.98 27.28 11.68
N LEU A 67 -3.02 27.23 10.77
CA LEU A 67 -3.19 27.86 9.48
C LEU A 67 -2.93 26.84 8.40
N ILE A 68 -3.93 26.62 7.55
CA ILE A 68 -3.79 25.67 6.46
C ILE A 68 -3.74 26.42 5.14
N VAL A 69 -2.65 26.22 4.40
CA VAL A 69 -2.42 26.93 3.15
C VAL A 69 -2.32 25.90 2.03
N ASN A 70 -3.25 25.91 1.07
CA ASN A 70 -3.35 24.82 0.11
C ASN A 70 -3.25 25.30 -1.33
N GLN A 71 -2.12 25.01 -1.97
CA GLN A 71 -1.89 25.39 -3.36
C GLN A 71 -2.08 26.89 -3.59
N ALA A 72 -1.53 27.70 -2.68
CA ALA A 72 -1.75 29.14 -2.72
C ALA A 72 -0.49 29.96 -2.99
N LEU A 73 0.67 29.31 -3.06
CA LEU A 73 1.95 30.02 -3.08
C LEU A 73 2.70 29.88 -4.40
N ASP A 74 1.95 29.71 -5.48
CA ASP A 74 2.53 29.58 -6.81
C ASP A 74 3.45 30.77 -7.14
N GLU A 75 3.00 31.98 -6.82
CA GLU A 75 3.81 33.17 -7.06
C GLU A 75 4.98 33.30 -6.09
N GLU A 76 4.70 33.06 -4.81
CA GLU A 76 5.68 33.22 -3.73
C GLU A 76 6.94 32.38 -3.85
N ILE A 77 6.80 31.15 -4.32
CA ILE A 77 7.95 30.26 -4.41
C ILE A 77 8.94 30.66 -5.53
N ASN A 78 8.57 31.66 -6.34
CA ASN A 78 9.44 32.15 -7.41
C ASN A 78 9.91 33.58 -7.13
N ASP A 79 9.60 34.07 -5.93
CA ASP A 79 9.85 35.45 -5.57
C ASP A 79 10.05 35.54 -4.06
N SER A 80 11.30 35.77 -3.65
CA SER A 80 11.65 35.71 -2.25
C SER A 80 10.97 36.84 -1.46
N GLU A 81 10.79 37.99 -2.09
CA GLU A 81 10.10 39.11 -1.44
C GLU A 81 8.64 38.81 -1.11
N LYS A 82 7.94 38.17 -2.05
CA LYS A 82 6.58 37.72 -1.78
C LYS A 82 6.54 36.60 -0.75
N LEU A 83 7.51 35.71 -0.83
CA LEU A 83 7.62 34.62 0.11
C LEU A 83 7.85 35.16 1.52
N ASP A 84 8.69 36.18 1.62
CA ASP A 84 8.97 36.83 2.89
C ASP A 84 7.72 37.46 3.50
N LYS A 85 6.93 38.10 2.64
CA LYS A 85 5.66 38.69 3.05
C LYS A 85 4.69 37.65 3.60
N PHE A 86 4.65 36.48 2.97
CA PHE A 86 3.77 35.42 3.44
C PHE A 86 4.20 34.83 4.77
N ILE A 87 5.48 34.51 4.92
CA ILE A 87 5.97 33.89 6.14
C ILE A 87 5.78 34.82 7.33
N THR A 88 6.05 36.10 7.11
CA THR A 88 5.86 37.12 8.12
C THR A 88 4.39 37.17 8.57
N ALA A 89 3.49 37.24 7.60
CA ALA A 89 2.06 37.34 7.88
C ALA A 89 1.53 36.08 8.55
N ALA A 90 2.06 34.94 8.10
CA ALA A 90 1.70 33.63 8.66
C ALA A 90 2.09 33.51 10.13
N LEU A 91 3.31 33.93 10.46
CA LEU A 91 3.78 33.91 11.85
C LEU A 91 2.95 34.81 12.76
N ARG A 92 2.61 36.02 12.28
CA ARG A 92 1.81 36.96 13.06
C ARG A 92 0.41 36.46 13.33
N SER A 93 -0.13 35.69 12.40
CA SER A 93 -1.51 35.27 12.48
C SER A 93 -1.66 34.12 13.47
N LEU A 94 -0.58 33.40 13.71
CA LEU A 94 -0.65 32.20 14.54
C LEU A 94 -0.31 32.52 15.99
N ARG A 95 -0.99 31.83 16.90
CA ARG A 95 -0.56 31.78 18.29
C ARG A 95 0.75 31.01 18.37
N THR A 96 1.55 31.26 19.40
CA THR A 96 2.72 30.45 19.69
C THR A 96 2.29 28.99 19.88
N ASP A 97 3.06 28.07 19.30
CA ASP A 97 2.75 26.63 19.23
C ASP A 97 1.67 26.32 18.19
N GLY A 98 1.18 27.37 17.52
CA GLY A 98 0.21 27.19 16.46
C GLY A 98 0.87 26.47 15.29
N VAL A 99 0.10 25.74 14.50
CA VAL A 99 0.64 24.89 13.46
C VAL A 99 0.34 25.45 12.08
N LEU A 100 1.34 25.47 11.22
CA LEU A 100 1.13 25.77 9.81
C LEU A 100 1.21 24.49 8.99
N ILE A 101 0.16 24.22 8.24
CA ILE A 101 0.17 23.13 7.27
C ILE A 101 0.17 23.73 5.89
N LEU A 102 1.27 23.51 5.16
CA LEU A 102 1.45 24.13 3.87
C LEU A 102 1.60 23.06 2.80
N ARG A 103 0.66 23.04 1.86
CA ARG A 103 0.70 22.09 0.76
C ARG A 103 1.02 22.86 -0.50
N GLN A 104 2.09 22.46 -1.19
CA GLN A 104 2.43 23.07 -2.47
C GLN A 104 3.02 22.01 -3.40
N ASP A 105 2.47 21.92 -4.61
CA ASP A 105 2.95 20.99 -5.64
C ASP A 105 4.19 21.58 -6.31
N LEU A 106 5.29 20.82 -6.31
CA LEU A 106 6.53 21.29 -6.94
C LEU A 106 6.88 20.57 -8.24
N SER A 107 5.93 19.84 -8.79
CA SER A 107 6.16 19.05 -9.99
C SER A 107 6.36 19.90 -11.25
N LYS A 108 5.83 21.13 -11.24
CA LYS A 108 5.97 22.05 -12.37
C LYS A 108 7.14 23.01 -12.16
N VAL A 109 7.87 22.80 -11.08
CA VAL A 109 9.11 23.52 -10.78
C VAL A 109 10.35 22.75 -11.20
N LYS A 110 11.00 23.22 -12.27
CA LYS A 110 12.14 22.50 -12.84
C LYS A 110 13.31 22.38 -11.87
N GLU A 111 13.45 23.31 -10.92
CA GLU A 111 14.52 23.22 -9.93
C GLU A 111 14.25 22.05 -9.00
N LYS A 113 15.96 20.89 -6.44
CA LYS A 113 16.28 21.17 -5.05
C LYS A 113 15.29 22.12 -4.37
N LYS A 114 14.22 22.49 -5.09
CA LYS A 114 13.27 23.48 -4.59
C LYS A 114 12.69 23.17 -3.22
N ALA A 116 13.99 21.38 -0.86
CA ALA A 116 15.06 21.49 0.12
C ALA A 116 15.36 22.94 0.42
N LEU A 118 13.33 25.53 0.08
CA LEU A 118 12.19 26.08 0.79
C LEU A 118 12.19 25.69 2.28
N THR A 119 12.48 24.42 2.56
CA THR A 119 12.53 23.94 3.93
C THR A 119 13.57 24.69 4.78
N ASP A 120 14.76 24.91 4.25
CA ASP A 120 15.77 25.67 5.00
C ASP A 120 15.30 27.09 5.22
N TYR A 121 14.64 27.65 4.21
CA TYR A 121 14.18 29.02 4.29
C TYR A 121 13.16 29.14 5.41
N PHE A 122 12.25 28.17 5.50
CA PHE A 122 11.26 28.17 6.57
C PHE A 122 11.94 27.95 7.91
N ASP A 123 12.97 27.10 7.92
CA ASP A 123 13.62 26.74 9.18
C ASP A 123 14.46 27.89 9.74
N VAL A 124 14.94 28.73 8.83
CA VAL A 124 15.89 29.81 9.15
C VAL A 124 15.21 31.14 9.41
N PHE A 125 14.06 31.37 8.78
CA PHE A 125 13.39 32.65 8.86
C PHE A 125 13.10 33.07 10.29
N ARG A 126 13.41 34.31 10.61
CA ARG A 126 13.15 34.83 11.94
C ARG A 126 12.39 36.14 11.83
N LEU A 127 11.44 36.32 12.73
CA LEU A 127 10.66 37.54 12.80
C LEU A 127 10.72 38.10 14.20
N GLU A 128 10.98 39.39 14.31
CA GLU A 128 10.93 40.05 15.62
C GLU A 128 9.51 40.05 16.18
N GLU A 129 9.35 39.54 17.39
CA GLU A 129 8.05 39.58 18.05
C GLU A 129 8.30 39.73 19.55
N GLY A 130 7.92 40.90 20.08
CA GLY A 130 8.19 41.22 21.46
C GLY A 130 9.67 41.47 21.71
N ASN A 131 10.20 40.93 22.81
CA ASN A 131 11.59 41.13 23.14
C ASN A 131 12.46 39.97 22.70
N GLY A 132 11.98 39.23 21.71
CA GLY A 132 12.72 38.13 21.12
C GLY A 132 12.30 37.90 19.69
N ASN A 133 12.64 36.73 19.15
CA ASN A 133 12.24 36.39 17.80
C ASN A 133 11.22 35.26 17.79
N VAL A 134 10.49 35.14 16.68
CA VAL A 134 9.66 33.97 16.44
C VAL A 134 10.04 33.37 15.10
N GLY A 135 9.71 32.09 14.92
CA GLY A 135 9.99 31.39 13.68
C GLY A 135 9.26 30.07 13.67
N PHE A 136 9.44 29.31 12.59
CA PHE A 136 8.80 28.01 12.48
C PHE A 136 9.76 26.90 12.88
N GLN A 137 9.28 26.00 13.73
CA GLN A 137 10.04 24.80 14.03
C GLN A 137 9.64 23.74 13.05
N PHE A 138 10.64 23.04 12.52
CA PHE A 138 10.38 22.03 11.52
C PHE A 138 9.85 20.76 12.18
N TYR A 139 8.82 20.18 11.57
CA TYR A 139 8.33 18.87 11.98
C TYR A 139 8.49 17.79 10.92
N ALA A 140 7.93 18.06 9.75
CA ALA A 140 8.01 17.10 8.66
C ALA A 140 7.70 17.71 7.31
N VAL A 141 8.15 17.01 6.27
CA VAL A 141 7.66 17.22 4.93
C VAL A 141 7.12 15.86 4.48
N ASN A 142 5.87 15.82 4.07
CA ASN A 142 5.29 14.59 3.56
C ASN A 142 4.93 14.76 2.11
N GLU A 143 4.74 13.65 1.41
CA GLU A 143 4.18 13.68 0.07
C GLU A 143 2.68 13.60 0.14
N VAL A 144 2.01 14.31 -0.76
CA VAL A 144 0.58 14.11 -0.93
C VAL A 144 0.40 12.74 -1.58
N LEU A 145 -0.22 11.80 -0.87
CA LEU A 145 -0.24 10.43 -1.34
C LEU A 145 -1.19 10.24 -2.52
N ASP A 146 -2.28 11.01 -2.54
CA ASP A 146 -3.21 10.97 -3.64
C ASP A 146 -2.47 11.27 -4.94
N SER A 147 -1.51 12.17 -4.85
CA SER A 147 -0.80 12.64 -6.03
C SER A 147 0.15 11.57 -6.54
N VAL A 148 0.72 10.80 -5.62
CA VAL A 148 1.55 9.68 -6.01
C VAL A 148 0.76 8.61 -6.74
N TYR A 149 -0.38 8.24 -6.15
CA TYR A 149 -1.12 7.07 -6.58
C TYR A 149 -2.02 7.32 -7.79
N VAL A 150 -2.43 8.55 -7.98
CA VAL A 150 -3.36 8.86 -9.05
C VAL A 150 -2.68 9.56 -10.20
N HIS A 151 -1.66 10.37 -9.89
CA HIS A 151 -1.03 11.22 -10.89
C HIS A 151 0.44 10.97 -11.10
N GLN A 152 0.93 9.88 -10.52
CA GLN A 152 2.36 9.57 -10.58
C GLN A 152 3.24 10.77 -10.25
N ASN A 153 2.87 11.50 -9.20
CA ASN A 153 3.58 12.71 -8.80
C ASN A 153 4.08 12.56 -7.38
N TRP A 154 5.40 12.49 -7.24
CA TRP A 154 6.04 12.29 -5.94
C TRP A 154 6.55 13.63 -5.38
N LEU A 155 6.30 14.71 -6.12
CA LEU A 155 6.81 16.02 -5.71
C LEU A 155 5.71 16.99 -5.28
N ASP A 156 4.63 16.46 -4.73
CA ASP A 156 3.54 17.27 -4.22
C ASP A 156 3.70 17.26 -2.70
N PHE A 157 4.10 18.37 -2.11
CA PHE A 157 4.55 18.34 -0.71
C PHE A 157 3.66 19.00 0.33
N ILE A 158 3.74 18.48 1.55
CA ILE A 158 3.08 19.06 2.71
C ILE A 158 4.14 19.33 3.77
N TRP A 159 4.33 20.58 4.16
CA TRP A 159 5.21 20.90 5.28
C TRP A 159 4.37 21.00 6.54
N THR A 160 4.86 20.45 7.63
CA THR A 160 4.24 20.66 8.93
C THR A 160 5.20 21.48 9.78
N LEU A 161 4.77 22.68 10.17
CA LEU A 161 5.64 23.54 10.95
C LEU A 161 4.91 24.13 12.14
N LYS A 163 4.96 27.34 15.10
CA LYS A 163 5.49 28.63 15.54
C LYS A 163 6.07 28.50 16.95
N LYS A 164 7.30 28.97 17.11
CA LYS A 164 7.99 28.89 18.38
C LYS A 164 8.72 30.20 18.64
N PRO A 165 8.99 30.50 19.92
CA PRO A 165 9.83 31.66 20.27
C PRO A 165 11.31 31.32 20.16
N PHE A 166 12.12 32.30 19.75
CA PHE A 166 13.56 32.10 19.63
C PHE A 166 14.29 33.30 20.21
N PRO A 167 15.47 33.07 20.82
CA PRO A 167 16.37 34.14 21.29
C PRO A 167 16.82 35.03 20.13
N LYS A 168 17.44 36.16 20.46
CA LYS A 168 17.83 37.15 19.45
C LYS A 168 19.28 36.97 19.03
N GLY A 172 25.22 29.95 15.10
CA GLY A 172 25.20 30.31 16.50
C GLY A 172 24.64 29.20 17.38
N VAL A 173 23.49 28.67 16.97
CA VAL A 173 22.88 27.51 17.63
C VAL A 173 22.10 26.67 16.60
N VAL A 174 22.76 25.64 16.08
CA VAL A 174 22.30 24.91 14.90
C VAL A 174 21.40 23.69 15.21
N SER A 175 20.27 23.59 14.50
CA SER A 175 19.33 22.46 14.66
C SER A 175 19.99 21.19 14.16
N PHE A 176 19.50 20.04 14.62
CA PHE A 176 20.01 18.74 14.17
C PHE A 176 19.93 18.61 12.65
N ARG A 177 18.81 18.98 12.05
CA ARG A 177 18.67 18.90 10.60
C ARG A 177 19.71 19.73 9.85
N ASP A 178 19.96 20.95 10.32
CA ASP A 178 20.91 21.83 9.64
C ASP A 178 22.33 21.32 9.77
N PHE A 179 22.66 20.72 10.92
CA PHE A 179 23.99 20.14 11.06
C PHE A 179 24.21 19.08 9.99
N LEU A 180 23.22 18.21 9.80
CA LEU A 180 23.30 17.20 8.76
C LEU A 180 23.46 17.81 7.38
N ASP A 181 22.61 18.79 7.07
CA ASP A 181 22.63 19.39 5.73
C ASP A 181 23.87 20.24 5.47
N ARG A 182 24.49 20.76 6.52
CA ARG A 182 25.60 21.70 6.34
C ARG A 182 26.95 21.05 6.53
N THR A 183 26.97 19.83 7.07
CA THR A 183 28.26 19.22 7.38
C THR A 183 28.51 17.91 6.64
N GLN A 184 28.04 16.79 7.19
CA GLN A 184 28.35 15.50 6.60
C GLN A 184 27.60 15.22 5.28
N TYR A 185 26.34 15.64 5.19
CA TYR A 185 25.51 15.28 4.03
C TYR A 185 25.13 16.47 3.14
N THR A 186 26.11 17.29 2.79
CA THR A 186 26.02 18.24 1.68
C THR A 186 25.88 17.60 0.29
N ASP A 187 25.41 18.37 -0.69
CA ASP A 187 25.30 17.91 -2.07
C ASP A 187 26.60 17.39 -2.69
N THR A 188 27.68 18.15 -2.50
CA THR A 188 28.97 17.74 -3.03
C THR A 188 29.47 16.48 -2.34
N GLY A 189 29.23 16.42 -1.04
CA GLY A 189 29.53 15.24 -0.26
C GLY A 189 28.74 14.05 -0.74
N ILE A 190 27.45 14.27 -1.03
CA ILE A 190 26.58 13.20 -1.52
C ILE A 190 27.06 12.63 -2.83
N PHE A 191 27.35 13.47 -3.81
CA PHE A 191 27.74 12.92 -5.11
C PHE A 191 29.13 12.28 -5.07
N ALA A 192 30.02 12.78 -4.21
CA ALA A 192 31.31 12.13 -4.01
C ALA A 192 31.16 10.78 -3.30
N TYR A 193 30.31 10.73 -2.26
CA TYR A 193 29.99 9.49 -1.56
C TYR A 193 29.34 8.43 -2.44
N GLU A 194 28.35 8.85 -3.22
CA GLU A 194 27.62 7.95 -4.10
C GLU A 194 28.57 7.28 -5.09
N TRP A 195 29.57 8.04 -5.51
CA TRP A 195 30.53 7.52 -6.48
C TRP A 195 31.33 6.33 -5.92
N ILE A 196 31.76 6.42 -4.67
CA ILE A 196 32.55 5.34 -4.06
C ILE A 196 31.73 4.15 -3.57
N PHE A 197 30.57 4.42 -2.97
CA PHE A 197 29.75 3.33 -2.45
C PHE A 197 29.05 2.60 -3.59
N GLY A 198 28.65 3.37 -4.60
CA GLY A 198 27.94 2.82 -5.74
C GLY A 198 26.65 3.59 -5.94
N ASN A 199 26.16 3.62 -7.17
CA ASN A 199 24.94 4.34 -7.52
C ASN A 199 23.79 4.15 -6.53
N ASN A 200 23.25 5.27 -6.07
CA ASN A 200 22.11 5.32 -5.16
C ASN A 200 22.37 4.88 -3.73
N PHE A 201 23.61 4.54 -3.40
CA PHE A 201 23.90 4.08 -2.05
C PHE A 201 24.90 5.00 -1.35
N ILE A 202 24.73 5.19 -0.05
CA ILE A 202 25.69 5.94 0.75
C ILE A 202 26.17 5.03 1.88
N SER A 203 26.10 3.73 1.64
CA SER A 203 26.47 2.75 2.65
C SER A 203 27.42 1.76 2.00
N PRO A 204 28.34 1.22 2.81
CA PRO A 204 29.38 0.27 2.38
C PRO A 204 28.84 -0.87 1.51
N GLY A 205 29.47 -1.11 0.37
CA GLY A 205 29.20 -2.28 -0.43
C GLY A 205 28.14 -2.13 -1.50
N GLY A 206 27.45 -1.00 -1.51
CA GLY A 206 26.47 -0.73 -2.56
C GLY A 206 25.38 -1.78 -2.69
N TRP A 207 24.96 -2.02 -3.94
CA TRP A 207 23.79 -2.83 -4.25
C TRP A 207 23.91 -4.27 -3.76
N ASN A 208 25.03 -4.89 -4.08
CA ASN A 208 25.25 -6.29 -3.73
C ASN A 208 25.22 -6.51 -2.23
N GLN A 209 25.80 -5.59 -1.48
CA GLN A 209 25.88 -5.75 -0.05
C GLN A 209 24.54 -5.53 0.62
N ASN A 210 23.81 -4.53 0.16
CA ASN A 210 22.49 -4.24 0.71
C ASN A 210 21.50 -5.38 0.49
N LEU A 211 21.64 -6.06 -0.63
CA LEU A 211 20.77 -7.19 -0.93
C LEU A 211 21.04 -8.34 0.03
N ALA A 212 22.31 -8.56 0.35
CA ALA A 212 22.69 -9.62 1.28
C ALA A 212 22.11 -9.36 2.68
N ILE A 213 22.12 -8.11 3.10
CA ILE A 213 21.57 -7.71 4.39
C ILE A 213 20.05 -7.86 4.42
N LEU A 214 19.37 -7.46 3.35
CA LEU A 214 17.91 -7.55 3.28
C LEU A 214 17.49 -9.01 3.40
N LYS A 215 18.31 -9.90 2.88
CA LYS A 215 18.03 -11.33 2.95
C LYS A 215 18.05 -11.87 4.37
N ARG A 216 18.71 -11.17 5.29
CA ARG A 216 18.79 -11.62 6.67
C ARG A 216 17.49 -11.34 7.45
N PHE A 217 16.51 -10.71 6.81
CA PHE A 217 15.17 -10.61 7.37
C PHE A 217 14.51 -11.97 7.36
N GLY A 218 15.00 -12.85 6.48
CA GLY A 218 14.34 -14.11 6.19
C GLY A 218 13.29 -13.86 5.11
N PRO A 219 12.32 -14.79 4.97
CA PRO A 219 11.27 -14.72 3.96
C PRO A 219 10.42 -13.47 4.08
N LYS A 221 7.26 -11.18 1.90
CA LYS A 221 6.22 -11.37 0.89
C LYS A 221 5.81 -10.06 0.21
N THR A 222 5.40 -10.17 -1.05
CA THR A 222 4.90 -9.05 -1.84
C THR A 222 3.81 -8.32 -1.06
N GLY A 223 3.91 -7.00 -0.99
CA GLY A 223 2.85 -6.20 -0.42
C GLY A 223 3.05 -5.92 1.05
N GLN A 224 3.96 -6.63 1.71
CA GLN A 224 4.26 -6.31 3.10
C GLN A 224 4.85 -4.89 3.24
N ARG A 225 4.69 -4.29 4.41
CA ARG A 225 5.09 -2.89 4.56
C ARG A 225 6.39 -2.72 5.34
N LEU A 227 9.29 0.08 6.86
CA LEU A 227 9.75 1.44 7.16
C LEU A 227 11.27 1.44 7.09
N ASP A 228 11.83 2.32 6.28
CA ASP A 228 13.27 2.45 6.18
C ASP A 228 13.72 3.75 6.86
N ILE A 229 14.49 3.62 7.93
CA ILE A 229 14.94 4.78 8.69
C ILE A 229 16.33 5.22 8.22
N GLY A 230 16.44 6.45 7.76
CA GLY A 230 17.70 6.96 7.25
C GLY A 230 17.89 6.46 5.83
N VAL A 231 16.89 6.68 5.00
CA VAL A 231 16.81 6.06 3.68
C VAL A 231 17.83 6.67 2.70
N GLY A 232 18.42 7.79 3.09
CA GLY A 232 19.48 8.39 2.30
C GLY A 232 18.95 8.82 0.94
N ILE A 233 19.68 8.47 -0.11
CA ILE A 233 19.26 8.80 -1.48
C ILE A 233 18.42 7.72 -2.17
N GLY A 234 18.00 6.70 -1.41
CA GLY A 234 16.89 5.85 -1.81
C GLY A 234 17.22 4.49 -2.38
N GLY A 235 18.50 4.22 -2.59
CA GLY A 235 18.92 2.97 -3.21
C GLY A 235 18.37 1.73 -2.53
N GLY A 236 18.41 1.72 -1.21
CA GLY A 236 17.92 0.61 -0.43
C GLY A 236 16.43 0.40 -0.50
N ALA A 237 15.66 1.49 -0.39
CA ALA A 237 14.20 1.41 -0.47
C ALA A 237 13.74 0.93 -1.83
N ARG A 238 14.35 1.48 -2.88
CA ARG A 238 14.01 1.14 -4.24
C ARG A 238 14.31 -0.33 -4.56
N GLN A 239 15.39 -0.82 -3.98
CA GLN A 239 15.78 -2.22 -4.15
C GLN A 239 14.84 -3.15 -3.42
N ALA A 240 14.44 -2.78 -2.20
CA ALA A 240 13.47 -3.56 -1.45
C ALA A 240 12.14 -3.70 -2.23
N ALA A 241 11.70 -2.61 -2.86
CA ALA A 241 10.48 -2.67 -3.64
C ALA A 241 10.66 -3.50 -4.91
N SER A 242 11.74 -3.26 -5.66
CA SER A 242 11.88 -3.91 -6.96
C SER A 242 12.25 -5.38 -6.84
N GLU A 243 12.99 -5.74 -5.80
CA GLU A 243 13.48 -7.11 -5.64
C GLU A 243 12.50 -7.99 -4.88
N PHE A 244 11.82 -7.41 -3.88
CA PHE A 244 10.94 -8.20 -3.02
C PHE A 244 9.45 -7.84 -3.10
N GLY A 245 9.15 -6.75 -3.80
CA GLY A 245 7.78 -6.30 -3.99
C GLY A 245 7.17 -5.70 -2.73
N LEU A 246 8.03 -5.23 -1.82
CA LEU A 246 7.60 -4.58 -0.60
C LEU A 246 7.08 -3.17 -0.87
N GLN A 247 6.13 -2.74 -0.05
CA GLN A 247 5.77 -1.33 -0.01
C GLN A 247 6.67 -0.67 1.01
N VAL A 248 7.42 0.33 0.58
CA VAL A 248 8.48 0.87 1.41
C VAL A 248 8.26 2.35 1.64
N HIS A 249 8.26 2.74 2.90
CA HIS A 249 8.21 4.14 3.25
C HIS A 249 9.56 4.51 3.86
N GLY A 250 10.26 5.44 3.23
CA GLY A 250 11.58 5.80 3.68
C GLY A 250 11.58 7.17 4.31
N VAL A 251 12.28 7.31 5.43
CA VAL A 251 12.38 8.60 6.08
C VAL A 251 13.83 9.03 6.22
N ASP A 252 14.08 10.32 6.12
CA ASP A 252 15.41 10.84 6.37
C ASP A 252 15.27 12.26 6.87
N LEU A 253 16.19 12.66 7.74
CA LEU A 253 16.13 13.99 8.30
C LEU A 253 16.81 14.96 7.35
N SER A 254 17.72 14.45 6.51
CA SER A 254 18.49 15.31 5.62
C SER A 254 17.69 15.57 4.35
N THR A 255 17.40 16.85 4.11
CA THR A 255 16.72 17.27 2.88
C THR A 255 17.58 17.12 1.62
N ASN A 256 18.88 17.31 1.78
CA ASN A 256 19.83 17.08 0.70
C ASN A 256 19.78 15.65 0.17
N LEU A 258 17.24 13.35 0.64
CA LEU A 258 15.92 12.97 0.15
C LEU A 258 15.53 13.67 -1.14
N ALA A 259 16.08 14.86 -1.37
CA ALA A 259 15.86 15.54 -2.62
C ALA A 259 16.26 14.62 -3.78
N VAL A 260 17.36 13.89 -3.62
CA VAL A 260 17.85 12.98 -4.66
C VAL A 260 16.93 11.77 -4.77
N ALA A 261 16.57 11.18 -3.63
CA ALA A 261 15.67 10.04 -3.60
C ALA A 261 14.34 10.36 -4.27
N LEU A 262 13.82 11.55 -3.97
CA LEU A 262 12.52 11.98 -4.46
C LEU A 262 12.59 12.23 -5.95
N GLU A 263 13.66 12.90 -6.38
CA GLU A 263 13.86 13.19 -7.79
C GLU A 263 13.89 11.89 -8.60
N ARG A 264 14.58 10.89 -8.06
CA ARG A 264 14.80 9.64 -8.77
C ARG A 264 13.56 8.75 -8.85
N VAL A 265 12.79 8.70 -7.78
CA VAL A 265 11.56 7.91 -7.82
C VAL A 265 10.48 8.59 -8.64
N HIS A 266 10.48 9.92 -8.63
CA HIS A 266 9.55 10.72 -9.42
C HIS A 266 9.75 10.53 -10.91
N LYS A 267 11.01 10.39 -11.32
CA LYS A 267 11.36 10.20 -12.72
C LYS A 267 11.14 8.77 -13.21
N GLU A 268 11.46 7.80 -12.36
CA GLU A 268 11.48 6.38 -12.71
C GLU A 268 10.13 5.73 -12.43
N LYS A 269 9.45 6.23 -11.41
CA LYS A 269 8.08 5.85 -11.11
C LYS A 269 7.93 4.43 -10.55
N ASP A 270 7.71 4.35 -9.24
CA ASP A 270 7.41 3.09 -8.57
C ASP A 270 6.48 3.38 -7.39
N ALA A 271 5.20 3.07 -7.54
CA ALA A 271 4.23 3.43 -6.52
C ALA A 271 4.35 2.70 -5.18
N ARG A 272 5.26 1.73 -5.12
CA ARG A 272 5.56 1.04 -3.86
C ARG A 272 6.44 1.87 -2.92
N VAL A 273 7.03 2.95 -3.42
CA VAL A 273 8.02 3.69 -2.65
C VAL A 273 7.55 5.11 -2.40
N THR A 274 7.57 5.52 -1.14
CA THR A 274 7.24 6.90 -0.74
C THR A 274 8.28 7.38 0.25
N TYR A 275 8.35 8.69 0.43
CA TYR A 275 9.39 9.27 1.25
C TYR A 275 8.82 10.39 2.13
N ALA A 276 9.47 10.63 3.26
CA ALA A 276 9.11 11.76 4.11
C ALA A 276 10.37 12.32 4.76
N VAL A 277 10.46 13.63 4.88
CA VAL A 277 11.52 14.25 5.66
C VAL A 277 11.05 14.36 7.09
N CYS A 278 11.76 13.72 8.03
CA CYS A 278 11.44 13.86 9.45
C CYS A 278 12.53 13.23 10.30
N ASP A 279 12.49 13.53 11.61
CA ASP A 279 13.41 12.94 12.58
C ASP A 279 12.75 11.68 13.14
N ALA A 280 13.37 10.53 12.89
CA ALA A 280 12.74 9.27 13.27
C ALA A 280 12.58 9.07 14.78
N CYS A 281 13.29 9.85 15.59
CA CYS A 281 13.09 9.78 17.04
C CYS A 281 11.89 10.57 17.54
N GLU A 282 11.33 11.40 16.67
CA GLU A 282 10.27 12.30 17.11
C GLU A 282 9.01 12.08 16.31
N TYR A 283 9.15 11.71 15.04
CA TYR A 283 7.96 11.66 14.20
C TYR A 283 6.99 10.59 14.72
N GLU A 284 5.71 10.91 14.60
CA GLU A 284 4.63 10.08 15.10
C GLU A 284 4.27 9.04 14.05
N PHE A 285 4.87 7.86 14.11
CA PHE A 285 4.49 6.80 13.18
C PHE A 285 3.20 6.12 13.60
N GLU A 286 2.48 5.57 12.63
CA GLU A 286 1.25 4.84 12.88
C GLU A 286 1.63 3.55 13.60
N PRO A 287 0.97 3.27 14.73
CA PRO A 287 1.32 2.06 15.50
C PRO A 287 0.85 0.77 14.86
N ASN A 288 1.61 -0.30 15.11
CA ASN A 288 1.25 -1.65 14.72
C ASN A 288 0.99 -1.74 13.22
N SER A 289 1.80 -1.06 12.42
CA SER A 289 1.46 -0.93 11.01
C SER A 289 2.52 -1.48 10.05
N PHE A 290 3.76 -1.61 10.52
CA PHE A 290 4.83 -2.07 9.65
C PHE A 290 5.17 -3.54 9.87
N ASP A 291 5.34 -4.28 8.78
CA ASP A 291 5.85 -5.65 8.86
C ASP A 291 7.34 -5.67 9.18
N TYR A 292 8.06 -4.68 8.68
CA TYR A 292 9.51 -4.64 8.85
C TYR A 292 9.95 -3.19 9.10
N VAL A 293 10.97 -3.03 9.93
CA VAL A 293 11.65 -1.76 10.05
C VAL A 293 13.12 -2.01 9.76
N PHE A 294 13.65 -1.24 8.81
CA PHE A 294 15.00 -1.46 8.35
C PHE A 294 15.75 -0.17 8.53
N SER A 295 16.98 -0.26 9.02
CA SER A 295 17.83 0.91 9.12
C SER A 295 19.26 0.56 8.77
N ARG A 296 19.76 1.17 7.71
CA ARG A 296 21.07 0.83 7.18
C ARG A 296 22.05 1.95 7.42
N ASP A 297 22.89 1.77 8.43
CA ASP A 297 23.98 2.68 8.72
C ASP A 297 23.48 4.10 9.00
N CYS A 298 22.41 4.20 9.78
CA CYS A 298 21.85 5.50 10.13
C CYS A 298 21.99 5.88 11.60
N ILE A 299 21.77 4.92 12.49
CA ILE A 299 21.46 5.26 13.89
C ILE A 299 22.64 5.71 14.77
N GLN A 300 23.85 5.64 14.26
CA GLN A 300 24.98 6.25 14.95
C GLN A 300 24.86 7.78 15.07
N HIS A 301 23.95 8.36 14.29
CA HIS A 301 23.63 9.79 14.33
C HIS A 301 22.69 10.10 15.50
N ILE A 302 22.10 9.06 16.06
CA ILE A 302 20.99 9.23 16.99
C ILE A 302 21.38 8.96 18.44
N LYS A 303 21.25 9.98 19.27
CA LYS A 303 21.66 9.85 20.66
C LYS A 303 20.74 8.95 21.48
N ASP A 304 19.45 9.23 21.45
CA ASP A 304 18.53 8.51 22.32
C ASP A 304 18.09 7.17 21.73
N THR A 305 18.97 6.17 21.80
CA THR A 305 18.68 4.84 21.29
C THR A 305 17.48 4.21 22.00
N ASP A 306 17.38 4.44 23.31
CA ASP A 306 16.26 3.97 24.10
C ASP A 306 14.92 4.44 23.54
N LYS A 307 14.81 5.73 23.25
CA LYS A 307 13.60 6.33 22.71
C LYS A 307 13.29 5.76 21.32
N LEU A 308 14.33 5.67 20.51
CA LEU A 308 14.24 5.18 19.14
C LEU A 308 13.70 3.75 19.08
N PHE A 309 14.24 2.88 19.93
CA PHE A 309 13.79 1.48 19.96
C PHE A 309 12.34 1.30 20.40
N SER A 310 11.90 2.11 21.37
CA SER A 310 10.51 2.04 21.80
C SER A 310 9.61 2.53 20.67
N ARG A 311 10.06 3.53 19.91
CA ARG A 311 9.26 4.00 18.79
C ARG A 311 9.18 2.99 17.65
N ILE A 312 10.29 2.28 17.39
CA ILE A 312 10.31 1.20 16.40
C ILE A 312 9.40 0.07 16.84
N TYR A 313 9.52 -0.34 18.11
CA TYR A 313 8.67 -1.38 18.68
C TYR A 313 7.21 -1.05 18.52
N ARG A 314 6.88 0.19 18.84
CA ARG A 314 5.52 0.67 18.78
C ARG A 314 5.02 0.59 17.35
N ALA A 315 5.89 0.94 16.41
CA ALA A 315 5.51 1.03 15.01
C ALA A 315 5.39 -0.32 14.32
N LEU A 316 6.08 -1.34 14.83
CA LEU A 316 6.00 -2.69 14.25
C LEU A 316 4.67 -3.36 14.55
N LYS A 317 4.15 -4.11 13.58
CA LYS A 317 3.08 -5.05 13.86
C LYS A 317 3.64 -6.10 14.81
N PRO A 318 2.79 -6.65 15.70
CA PRO A 318 3.15 -7.84 16.48
C PRO A 318 3.61 -8.93 15.51
N GLY A 319 4.74 -9.56 15.81
CA GLY A 319 5.31 -10.55 14.92
C GLY A 319 6.23 -9.92 13.86
N GLY A 320 6.23 -8.59 13.81
CA GLY A 320 7.04 -7.87 12.84
C GLY A 320 8.52 -7.91 13.21
N LYS A 321 9.39 -7.55 12.26
CA LYS A 321 10.83 -7.70 12.45
C LYS A 321 11.59 -6.39 12.20
N VAL A 322 12.56 -6.13 13.07
CA VAL A 322 13.45 -5.00 12.90
C VAL A 322 14.84 -5.50 12.51
N LEU A 323 15.49 -4.82 11.58
CA LEU A 323 16.84 -5.17 11.24
C LEU A 323 17.59 -3.87 11.04
N ILE A 324 18.71 -3.73 11.75
CA ILE A 324 19.49 -2.51 11.71
C ILE A 324 20.95 -2.85 11.56
N THR A 325 21.64 -2.11 10.70
CA THR A 325 23.09 -2.08 10.71
C THR A 325 23.54 -0.70 11.12
N TYR A 327 27.22 1.82 12.42
CA TYR A 327 28.56 2.02 12.89
C TYR A 327 28.48 1.84 14.40
N GLY A 328 29.47 1.16 14.98
CA GLY A 328 29.52 1.04 16.42
C GLY A 328 30.90 1.27 16.98
N VAL A 329 31.02 1.18 18.31
CA VAL A 329 32.30 1.32 18.96
C VAL A 329 32.77 -0.06 19.43
N GLY A 330 34.05 -0.35 19.28
CA GLY A 330 34.58 -1.64 19.66
C GLY A 330 35.04 -1.67 21.11
N HIS A 331 35.83 -2.68 21.45
CA HIS A 331 36.28 -2.86 22.82
C HIS A 331 37.76 -2.57 22.97
N GLY A 332 38.35 -2.01 21.92
CA GLY A 332 39.75 -1.64 21.97
C GLY A 332 39.94 -0.30 22.63
N THR A 333 41.19 0.03 22.93
CA THR A 333 41.52 1.32 23.49
C THR A 333 41.32 2.39 22.43
N LEU A 334 40.46 3.37 22.71
CA LEU A 334 40.14 4.38 21.70
C LEU A 334 41.32 5.30 21.45
N SER A 335 41.62 5.50 20.17
CA SER A 335 42.69 6.42 19.77
C SER A 335 42.17 7.84 19.65
N GLU A 336 43.06 8.81 19.83
CA GLU A 336 42.71 10.22 19.72
C GLU A 336 42.19 10.59 18.34
N SER A 337 42.75 9.95 17.31
CA SER A 337 42.33 10.20 15.94
C SER A 337 40.89 9.75 15.77
N PHE A 338 40.57 8.60 16.35
CA PHE A 338 39.22 8.05 16.30
C PHE A 338 38.25 8.93 17.10
N LYS A 339 38.69 9.38 18.27
CA LYS A 339 37.86 10.23 19.13
C LYS A 339 37.54 11.58 18.49
N GLU A 340 38.52 12.16 17.80
CA GLU A 340 38.33 13.40 17.07
C GLU A 340 37.37 13.22 15.88
N TYR A 341 37.48 12.06 15.24
CA TYR A 341 36.61 11.67 14.14
C TYR A 341 35.16 11.56 14.61
N VAL A 342 34.94 10.91 15.75
CA VAL A 342 33.61 10.72 16.30
C VAL A 342 32.93 12.04 16.68
N SER A 343 33.69 12.95 17.26
CA SER A 343 33.16 14.25 17.68
C SER A 343 32.79 15.13 16.49
N GLN A 344 33.60 15.09 15.45
CA GLN A 344 33.35 15.90 14.26
C GLN A 344 32.12 15.39 13.51
N ARG A 345 31.91 14.07 13.51
CA ARG A 345 30.75 13.49 12.87
C ARG A 345 29.54 13.60 13.79
N GLN A 346 29.81 13.88 15.06
CA GLN A 346 28.82 13.83 16.14
C GLN A 346 28.11 12.48 16.24
N TYR A 347 28.86 11.40 16.09
CA TYR A 347 28.30 10.07 16.29
C TYR A 347 28.10 9.74 17.76
N TYR A 348 26.98 9.08 18.04
CA TYR A 348 26.70 8.54 19.35
C TYR A 348 26.80 7.02 19.25
N LEU A 349 28.00 6.48 19.41
CA LEU A 349 28.24 5.06 19.19
C LEU A 349 27.97 4.16 20.39
N LYS A 350 27.43 2.98 20.11
CA LYS A 350 27.22 1.96 21.13
C LYS A 350 27.90 0.67 20.70
N ASN A 351 28.06 -0.27 21.63
CA ASN A 351 28.52 -1.61 21.28
C ASN A 351 27.34 -2.59 21.20
N LEU A 352 27.60 -3.85 20.84
CA LEU A 352 26.50 -4.78 20.62
C LEU A 352 25.81 -5.13 21.94
N GLU A 353 26.60 -5.18 23.00
CA GLU A 353 26.08 -5.47 24.33
C GLU A 353 25.04 -4.43 24.72
N GLN A 354 25.30 -3.17 24.44
CA GLN A 354 24.39 -2.09 24.82
C GLN A 354 23.12 -2.18 23.99
N ILE A 355 23.28 -2.46 22.70
CA ILE A 355 22.14 -2.61 21.81
C ILE A 355 21.24 -3.76 22.27
N GLU A 356 21.85 -4.88 22.63
CA GLU A 356 21.07 -6.03 23.08
C GLU A 356 20.32 -5.74 24.39
N GLU A 357 20.99 -5.04 25.32
CA GLU A 357 20.39 -4.65 26.58
C GLU A 357 19.14 -3.82 26.35
N ILE A 358 19.29 -2.82 25.49
CA ILE A 358 18.20 -1.92 25.15
C ILE A 358 17.06 -2.66 24.47
N ALA A 359 17.40 -3.59 23.57
CA ALA A 359 16.37 -4.31 22.85
C ALA A 359 15.57 -5.20 23.80
N LYS A 360 16.25 -5.84 24.76
CA LYS A 360 15.56 -6.65 25.77
C LYS A 360 14.65 -5.79 26.64
N LYS A 361 15.17 -4.66 27.08
CA LYS A 361 14.43 -3.72 27.93
C LYS A 361 13.19 -3.21 27.21
N THR A 362 13.34 -2.96 25.91
CA THR A 362 12.23 -2.50 25.08
C THR A 362 11.17 -3.58 24.93
N GLY A 363 11.57 -4.85 24.99
CA GLY A 363 10.60 -5.92 24.94
C GLY A 363 10.70 -6.78 23.68
N PHE A 364 11.73 -6.57 22.89
CA PHE A 364 11.99 -7.39 21.71
C PHE A 364 12.40 -8.82 22.09
N ILE A 365 12.05 -9.78 21.25
CA ILE A 365 12.49 -11.16 21.45
C ILE A 365 13.27 -11.62 20.22
N ASP A 366 13.77 -12.86 20.28
CA ASP A 366 14.55 -13.46 19.19
C ASP A 366 15.65 -12.53 18.72
N ILE A 367 16.42 -12.00 19.66
CA ILE A 367 17.46 -11.03 19.33
C ILE A 367 18.68 -11.68 18.73
N GLU A 368 19.07 -11.18 17.57
CA GLU A 368 20.30 -11.60 16.91
C GLU A 368 21.25 -10.42 16.81
N VAL A 369 22.49 -10.62 17.21
CA VAL A 369 23.52 -9.61 17.02
C VAL A 369 24.77 -10.18 16.34
N GLU A 370 25.41 -9.37 15.51
CA GLU A 370 26.63 -9.79 14.83
C GLU A 370 27.63 -8.66 14.64
N ASN A 371 28.90 -8.96 14.88
CA ASN A 371 29.98 -8.03 14.59
C ASN A 371 30.42 -8.23 13.14
N THR A 373 32.38 -6.41 11.35
CA THR A 373 33.60 -5.63 11.08
C THR A 373 34.56 -6.28 10.07
N PRO A 374 34.70 -7.63 10.09
CA PRO A 374 35.59 -8.21 9.07
C PRO A 374 35.07 -7.97 7.65
N ARG A 375 33.75 -7.99 7.48
CA ARG A 375 33.14 -7.66 6.19
C ARG A 375 33.35 -6.20 5.84
N PHE A 376 33.21 -5.32 6.82
CA PHE A 376 33.43 -3.90 6.61
C PHE A 376 34.84 -3.68 6.05
N LYS A 377 35.80 -4.41 6.59
CA LYS A 377 37.20 -4.35 6.18
C LYS A 377 37.40 -4.77 4.72
N GLU A 378 36.77 -5.87 4.32
CA GLU A 378 36.86 -6.35 2.95
C GLU A 378 36.34 -5.29 2.01
N ILE A 379 35.23 -4.66 2.39
CA ILE A 379 34.62 -3.63 1.57
C ILE A 379 35.54 -2.41 1.39
N LEU A 380 36.17 -1.94 2.47
CA LEU A 380 37.08 -0.80 2.37
C LEU A 380 38.25 -1.08 1.43
N LEU A 381 38.81 -2.27 1.56
CA LEU A 381 39.94 -2.72 0.76
C LEU A 381 39.53 -2.82 -0.69
N GLU A 382 38.36 -3.39 -0.92
CA GLU A 382 37.85 -3.55 -2.27
C GLU A 382 37.57 -2.18 -2.87
N GLU A 383 36.85 -1.35 -2.12
CA GLU A 383 36.54 0.02 -2.53
C GLU A 383 37.82 0.79 -2.86
N ARG A 384 38.82 0.65 -1.98
CA ARG A 384 40.07 1.38 -2.13
C ARG A 384 40.84 0.94 -3.37
N GLU A 385 40.78 -0.36 -3.68
CA GLU A 385 41.45 -0.83 -4.88
C GLU A 385 40.78 -0.26 -6.14
N ARG A 386 39.50 0.06 -6.05
CA ARG A 386 38.78 0.64 -7.18
C ARG A 386 39.15 2.09 -7.52
N ILE A 387 39.17 2.94 -6.49
CA ILE A 387 39.62 4.33 -6.61
C ILE A 387 41.07 4.44 -7.09
N GLU A 388 41.96 3.70 -6.44
CA GLU A 388 43.37 3.70 -6.80
C GLU A 388 43.51 3.36 -8.30
N GLN A 389 42.64 2.49 -8.79
CA GLN A 389 42.71 2.04 -10.18
C GLN A 389 42.07 3.07 -11.12
N ASP A 390 40.97 3.67 -10.66
CA ASP A 390 40.20 4.63 -11.45
C ASP A 390 40.47 6.10 -11.10
N LYS A 391 41.64 6.36 -10.52
CA LYS A 391 42.10 7.71 -10.19
C LYS A 391 41.77 8.79 -11.23
N GLU A 392 42.15 8.51 -12.47
CA GLU A 392 41.98 9.44 -13.59
C GLU A 392 40.54 9.85 -13.88
N THR A 393 39.62 8.92 -13.72
CA THR A 393 38.19 9.17 -13.93
C THR A 393 37.52 10.04 -12.86
N PHE A 394 37.99 9.97 -11.61
CA PHE A 394 37.43 10.79 -10.55
C PHE A 394 37.72 12.27 -10.75
N LEU A 395 38.96 12.59 -11.11
CA LEU A 395 39.38 13.98 -11.23
C LEU A 395 38.68 14.68 -12.40
N ALA A 396 38.05 13.91 -13.27
CA ALA A 396 37.26 14.49 -14.35
C ALA A 396 35.93 15.06 -13.82
N LYS A 397 35.47 14.60 -12.65
CA LYS A 397 34.15 15.02 -12.16
C LYS A 397 34.26 15.92 -10.94
N PHE A 398 35.18 15.58 -10.03
CA PHE A 398 35.36 16.34 -8.79
C PHE A 398 36.78 16.86 -8.59
N SER A 399 36.94 17.66 -7.55
CA SER A 399 38.21 18.31 -7.23
C SER A 399 39.20 17.37 -6.53
N GLN A 400 40.45 17.82 -6.46
CA GLN A 400 41.52 17.15 -5.73
C GLN A 400 41.26 17.08 -4.22
N ASN A 401 40.66 18.13 -3.66
CA ASN A 401 40.38 18.20 -2.23
C ASN A 401 39.43 17.11 -1.73
N ALA A 402 38.42 16.79 -2.53
CA ALA A 402 37.50 15.71 -2.20
C ALA A 402 38.25 14.37 -2.23
N TYR A 403 39.07 14.20 -3.26
CA TYR A 403 39.88 12.99 -3.46
C TYR A 403 40.85 12.59 -2.35
N ASP A 404 41.71 13.51 -1.93
CA ASP A 404 42.69 13.23 -0.89
C ASP A 404 42.04 12.84 0.44
N GLY A 405 40.90 13.46 0.72
CA GLY A 405 40.14 13.19 1.93
C GLY A 405 39.62 11.77 1.91
N LEU A 406 39.34 11.26 0.71
CA LEU A 406 38.91 9.88 0.55
C LEU A 406 40.06 8.90 0.79
N VAL A 407 41.23 9.16 0.21
CA VAL A 407 42.37 8.26 0.41
C VAL A 407 42.77 8.17 1.87
N SER A 408 42.92 9.32 2.53
CA SER A 408 43.31 9.38 3.93
C SER A 408 42.22 8.84 4.86
N GLY A 409 40.97 9.08 4.47
CA GLY A 409 39.83 8.62 5.25
C GLY A 409 39.81 7.12 5.24
N TRP A 410 40.08 6.54 4.08
CA TRP A 410 40.06 5.10 3.93
C TRP A 410 41.27 4.52 4.65
N LYS A 411 42.40 5.20 4.53
CA LYS A 411 43.58 4.83 5.31
C LYS A 411 43.27 4.86 6.81
N SER A 412 42.63 5.93 7.26
CA SER A 412 42.29 6.10 8.68
C SER A 412 41.32 5.08 9.27
N LYS A 413 40.23 4.77 8.56
CA LYS A 413 39.27 3.77 9.02
C LYS A 413 39.90 2.40 9.20
N LEU A 414 40.83 2.05 8.31
CA LEU A 414 41.58 0.81 8.41
C LEU A 414 42.35 0.71 9.71
N GLN A 415 42.98 1.80 10.12
CA GLN A 415 43.67 1.80 11.41
C GLN A 415 42.66 1.72 12.57
N TYR A 416 41.51 2.38 12.42
CA TYR A 416 40.46 2.32 13.46
C TYR A 416 39.89 0.91 13.63
N ILE A 417 39.76 0.19 12.53
CA ILE A 417 39.32 -1.19 12.59
C ILE A 417 40.38 -2.03 13.28
N ALA A 418 41.63 -1.80 12.91
CA ALA A 418 42.78 -2.52 13.44
C ALA A 418 42.90 -2.39 14.97
N ASP A 419 42.57 -1.21 15.48
CA ASP A 419 42.62 -0.95 16.91
C ASP A 419 41.39 -1.42 17.66
N ASP A 420 40.45 -2.00 16.92
CA ASP A 420 39.13 -2.38 17.46
C ASP A 420 38.42 -1.19 18.10
N ASN A 421 38.54 -0.02 17.49
CA ASN A 421 37.76 1.16 17.89
C ASN A 421 36.45 1.17 17.11
N HIS A 422 36.59 1.06 15.80
CA HIS A 422 35.47 1.15 14.86
C HIS A 422 34.88 -0.22 14.55
N ASN A 423 33.59 -0.38 14.82
CA ASN A 423 32.93 -1.62 14.46
C ASN A 423 31.74 -1.36 13.55
N TRP A 424 31.34 -2.41 12.84
CA TRP A 424 30.18 -2.36 11.96
C TRP A 424 29.25 -3.43 12.47
N ASN A 425 28.13 -3.00 13.04
CA ASN A 425 27.30 -3.93 13.79
C ASN A 425 25.97 -4.29 13.16
N PHE A 426 25.54 -5.51 13.42
CA PHE A 426 24.26 -6.00 12.92
C PHE A 426 23.39 -6.31 14.12
N PHE A 427 22.14 -5.90 14.04
CA PHE A 427 21.15 -6.22 15.06
C PHE A 427 19.84 -6.58 14.38
N ALA A 428 19.25 -7.69 14.79
CA ALA A 428 17.90 -7.99 14.37
C ALA A 428 17.10 -8.55 15.54
N ALA A 429 15.77 -8.37 15.48
CA ALA A 429 14.88 -8.88 16.51
C ALA A 429 13.43 -8.82 16.04
N VAL A 430 12.53 -9.45 16.77
CA VAL A 430 11.13 -9.46 16.40
C VAL A 430 10.23 -8.96 17.53
N LYS A 431 9.11 -8.35 17.16
CA LYS A 431 8.13 -7.92 18.15
C LYS A 431 7.26 -9.15 18.40
N PRO A 432 7.04 -9.50 19.67
CA PRO A 432 6.34 -10.74 20.02
C PRO A 432 4.91 -10.88 19.46
N GLN A 433 4.50 -12.12 19.13
CA GLN A 433 3.14 -12.54 18.78
C GLN A 433 2.91 -12.83 17.28
N ALA B 1 7.68 -5.09 -19.40
CA ALA B 1 9.00 -4.81 -18.83
C ALA B 1 9.02 -5.06 -17.32
N SER B 2 9.07 -6.33 -16.93
CA SER B 2 8.88 -6.76 -15.54
C SER B 2 10.17 -6.89 -14.72
N PRO B 4 12.09 -8.98 -11.05
CA PRO B 4 12.13 -10.23 -10.27
C PRO B 4 10.99 -10.38 -9.26
N ALA B 5 10.42 -9.26 -8.84
CA ALA B 5 9.24 -9.27 -7.99
C ALA B 5 8.10 -10.10 -8.57
N VAL B 6 8.02 -10.14 -9.90
CA VAL B 6 6.97 -10.89 -10.59
C VAL B 6 7.12 -12.40 -10.38
N GLU B 7 8.33 -12.92 -10.55
CA GLU B 7 8.57 -14.34 -10.36
C GLU B 7 8.31 -14.79 -8.93
N ARG B 8 8.63 -13.91 -7.98
CA ARG B 8 8.36 -14.17 -6.58
C ARG B 8 6.87 -14.28 -6.30
N GLN B 9 6.09 -13.43 -6.95
CA GLN B 9 4.64 -13.45 -6.80
C GLN B 9 4.02 -14.70 -7.40
N LEU B 10 4.58 -15.16 -8.52
CA LEU B 10 4.10 -16.37 -9.16
C LEU B 10 4.25 -17.55 -8.20
N ILE B 11 5.38 -17.60 -7.52
CA ILE B 11 5.65 -18.66 -6.59
C ILE B 11 4.80 -18.52 -5.33
N GLU B 12 4.54 -17.28 -4.92
CA GLU B 12 3.62 -17.03 -3.81
C GLU B 12 2.22 -17.54 -4.13
N CYS B 13 1.77 -17.35 -5.37
CA CYS B 13 0.47 -17.86 -5.81
C CYS B 13 0.38 -19.37 -5.68
N LEU B 14 1.48 -20.03 -6.05
CA LEU B 14 1.61 -21.47 -5.94
C LEU B 14 1.47 -21.94 -4.49
N HIS B 15 2.14 -21.24 -3.58
CA HIS B 15 2.09 -21.62 -2.17
C HIS B 15 0.75 -21.37 -1.48
N HIS B 16 -0.14 -20.59 -2.11
CA HIS B 16 -1.50 -20.48 -1.59
C HIS B 16 -2.18 -21.85 -1.61
N VAL B 17 -1.83 -22.66 -2.62
CA VAL B 17 -2.44 -23.96 -2.73
C VAL B 17 -1.68 -25.07 -2.00
N ILE B 18 -0.37 -25.12 -2.22
CA ILE B 18 0.45 -26.20 -1.66
C ILE B 18 1.08 -25.90 -0.30
N LYS B 19 0.89 -24.67 0.18
CA LYS B 19 1.29 -24.24 1.52
C LYS B 19 2.78 -24.36 1.78
N GLY B 20 3.16 -25.10 2.81
CA GLY B 20 4.55 -25.22 3.19
C GLY B 20 5.28 -26.31 2.42
N ALA B 21 4.55 -27.03 1.57
CA ALA B 21 5.14 -28.12 0.81
C ALA B 21 6.09 -27.59 -0.24
N GLU B 22 7.14 -28.34 -0.56
CA GLU B 22 7.88 -28.05 -1.76
C GLU B 22 7.54 -29.11 -2.82
N PRO B 23 7.19 -28.65 -4.02
CA PRO B 23 6.77 -29.54 -5.10
C PRO B 23 7.93 -30.39 -5.62
N GLN B 24 7.68 -31.69 -5.82
CA GLN B 24 8.73 -32.59 -6.25
C GLN B 24 9.07 -32.41 -7.72
N GLN B 25 8.04 -32.20 -8.54
CA GLN B 25 8.25 -31.98 -9.96
C GLN B 25 7.55 -30.71 -10.44
N VAL B 26 8.32 -29.81 -11.02
CA VAL B 26 7.78 -28.54 -11.51
C VAL B 26 8.09 -28.39 -12.99
N GLY B 27 7.11 -27.94 -13.75
CA GLY B 27 7.33 -27.62 -15.15
C GLY B 27 7.22 -26.13 -15.36
N ILE B 28 8.03 -25.62 -16.27
CA ILE B 28 8.03 -24.21 -16.61
C ILE B 28 7.92 -24.02 -18.11
N LEU B 29 6.92 -23.29 -18.56
CA LEU B 29 6.82 -22.94 -19.95
C LEU B 29 7.04 -21.45 -20.05
N CYS B 30 8.18 -21.07 -20.61
CA CYS B 30 8.57 -19.67 -20.65
C CYS B 30 9.62 -19.41 -21.72
N PRO B 31 9.25 -18.67 -22.76
CA PRO B 31 10.12 -18.42 -23.92
C PRO B 31 11.27 -17.46 -23.62
N GLN B 32 11.16 -16.69 -22.54
CA GLN B 32 12.20 -15.73 -22.18
C GLN B 32 13.17 -16.32 -21.16
N ASP B 33 14.41 -16.55 -21.58
CA ASP B 33 15.38 -17.32 -20.79
C ASP B 33 15.67 -16.74 -19.40
N ASP B 34 15.75 -15.42 -19.28
CA ASP B 34 16.05 -14.78 -18.00
C ASP B 34 14.94 -14.92 -16.98
N GLN B 35 13.70 -14.79 -17.44
CA GLN B 35 12.54 -15.03 -16.60
C GLN B 35 12.47 -16.49 -16.18
N ARG B 36 12.79 -17.39 -17.11
CA ARG B 36 12.78 -18.83 -16.84
C ARG B 36 13.80 -19.22 -15.77
N LYS B 37 15.00 -18.64 -15.85
CA LYS B 37 16.05 -18.90 -14.86
C LYS B 37 15.69 -18.33 -13.50
N ALA B 38 15.02 -17.18 -13.51
CA ALA B 38 14.53 -16.56 -12.29
C ALA B 38 13.52 -17.45 -11.58
N LEU B 39 12.68 -18.13 -12.35
CA LEU B 39 11.74 -19.08 -11.79
C LEU B 39 12.45 -20.29 -11.19
N THR B 40 13.43 -20.81 -11.91
CA THR B 40 14.17 -21.99 -11.46
C THR B 40 14.89 -21.77 -10.13
N GLU B 41 15.52 -20.61 -9.98
CA GLU B 41 16.30 -20.34 -8.77
C GLU B 41 15.44 -20.19 -7.52
N GLN B 42 14.13 -20.07 -7.72
CA GLN B 42 13.19 -19.97 -6.63
C GLN B 42 13.04 -21.33 -5.92
N PHE B 43 13.44 -22.40 -6.59
CA PHE B 43 13.27 -23.75 -6.06
C PHE B 43 14.56 -24.33 -5.52
N GLY B 44 14.43 -25.22 -4.54
CA GLY B 44 15.61 -25.87 -3.97
C GLY B 44 15.74 -27.30 -4.46
N SER B 45 16.63 -28.03 -3.81
CA SER B 45 17.04 -29.35 -4.27
C SER B 45 15.95 -30.42 -4.11
N LYS B 46 14.87 -30.08 -3.42
CA LYS B 46 13.77 -31.03 -3.24
C LYS B 46 12.80 -30.97 -4.41
N THR B 47 13.10 -30.09 -5.37
CA THR B 47 12.26 -29.88 -6.53
C THR B 47 13.06 -30.22 -7.78
N ALA B 48 12.45 -30.99 -8.68
CA ALA B 48 13.06 -31.22 -9.98
C ALA B 48 12.33 -30.36 -10.97
N THR B 49 13.06 -29.68 -11.85
CA THR B 49 12.43 -28.73 -12.75
C THR B 49 12.67 -29.05 -14.22
N SER B 50 11.59 -29.00 -15.00
CA SER B 50 11.67 -29.11 -16.45
C SER B 50 11.19 -27.81 -17.06
N PHE B 51 11.86 -27.33 -18.10
CA PHE B 51 11.40 -26.14 -18.80
C PHE B 51 11.27 -26.32 -20.30
N CYS B 52 10.34 -25.60 -20.91
CA CYS B 52 10.24 -25.56 -22.36
C CYS B 52 9.84 -24.16 -22.82
N LYS B 53 9.96 -23.89 -24.10
CA LYS B 53 9.79 -22.53 -24.60
C LYS B 53 8.65 -22.44 -25.59
N GLU B 54 8.08 -23.59 -25.94
CA GLU B 54 6.91 -23.62 -26.79
C GLU B 54 5.95 -24.65 -26.22
N VAL B 55 4.67 -24.50 -26.49
CA VAL B 55 3.66 -25.36 -25.88
C VAL B 55 3.68 -26.82 -26.38
N ASP B 56 4.16 -27.03 -27.59
CA ASP B 56 4.21 -28.39 -28.14
C ASP B 56 5.22 -29.26 -27.40
N SER B 57 6.13 -28.60 -26.69
CA SER B 57 7.09 -29.31 -25.86
C SER B 57 6.48 -29.83 -24.56
N LEU B 58 5.23 -29.44 -24.27
CA LEU B 58 4.55 -29.92 -23.07
C LEU B 58 4.31 -31.42 -23.16
N LYS B 59 4.43 -31.95 -24.37
CA LYS B 59 4.28 -33.37 -24.63
C LYS B 59 5.40 -34.17 -23.97
N ASN B 60 6.45 -33.48 -23.54
CA ASN B 60 7.65 -34.12 -23.01
C ASN B 60 7.64 -34.06 -21.50
N LEU B 61 6.63 -33.40 -20.97
CA LEU B 61 6.47 -33.22 -19.54
C LEU B 61 5.37 -34.10 -18.96
N SER B 62 5.64 -34.67 -17.79
CA SER B 62 4.65 -35.50 -17.11
C SER B 62 4.88 -35.59 -15.61
N ASN B 63 3.85 -36.07 -14.91
CA ASN B 63 3.87 -36.28 -13.47
C ASN B 63 4.26 -35.02 -12.69
N LEU B 64 3.85 -33.86 -13.19
CA LEU B 64 4.22 -32.60 -12.57
C LEU B 64 3.30 -32.31 -11.39
N ASP B 65 3.88 -31.77 -10.32
CA ASP B 65 3.10 -31.24 -9.21
C ASP B 65 2.67 -29.81 -9.47
N ALA B 66 3.42 -29.11 -10.31
CA ALA B 66 3.08 -27.73 -10.67
C ALA B 66 3.60 -27.40 -12.06
N LEU B 67 2.81 -26.63 -12.81
CA LEU B 67 3.23 -26.13 -14.11
C LEU B 67 3.08 -24.63 -14.10
N ILE B 68 4.17 -23.93 -14.36
CA ILE B 68 4.16 -22.47 -14.39
C ILE B 68 4.33 -21.98 -15.83
N VAL B 69 3.34 -21.22 -16.30
CA VAL B 69 3.33 -20.75 -17.67
C VAL B 69 3.38 -19.24 -17.66
N ASN B 70 4.45 -18.66 -18.20
CA ASN B 70 4.71 -17.24 -18.05
C ASN B 70 4.88 -16.56 -19.41
N GLN B 71 3.89 -15.76 -19.79
CA GLN B 71 3.91 -14.99 -21.03
C GLN B 71 4.16 -15.87 -22.27
N ALA B 72 3.44 -16.99 -22.33
CA ALA B 72 3.67 -17.99 -23.37
C ALA B 72 2.48 -18.15 -24.31
N LEU B 73 1.39 -17.44 -24.03
CA LEU B 73 0.13 -17.68 -24.72
C LEU B 73 -0.30 -16.52 -25.60
N ASP B 74 0.66 -15.74 -26.08
CA ASP B 74 0.34 -14.61 -26.95
C ASP B 74 -0.49 -15.04 -28.14
N GLU B 75 -0.11 -16.17 -28.74
CA GLU B 75 -0.82 -16.73 -29.87
C GLU B 75 -2.15 -17.38 -29.45
N GLU B 76 -2.10 -18.14 -28.38
CA GLU B 76 -3.24 -18.93 -27.89
C GLU B 76 -4.49 -18.15 -27.52
N ILE B 77 -4.33 -16.98 -26.92
CA ILE B 77 -5.50 -16.20 -26.49
C ILE B 77 -6.27 -15.59 -27.66
N ASN B 78 -5.76 -15.72 -28.88
CA ASN B 78 -6.43 -15.21 -30.06
C ASN B 78 -6.87 -16.33 -31.01
N ASP B 79 -6.72 -17.57 -30.56
CA ASP B 79 -6.94 -18.74 -31.40
C ASP B 79 -7.34 -19.90 -30.49
N SER B 80 -8.60 -20.28 -30.55
CA SER B 80 -9.15 -21.25 -29.61
C SER B 80 -8.53 -22.64 -29.78
N GLU B 81 -8.20 -23.00 -31.02
CA GLU B 81 -7.57 -24.29 -31.28
C GLU B 81 -6.19 -24.44 -30.66
N LYS B 82 -5.41 -23.39 -30.75
CA LYS B 82 -4.12 -23.36 -30.10
C LYS B 82 -4.32 -23.38 -28.60
N LEU B 83 -5.35 -22.66 -28.14
CA LEU B 83 -5.69 -22.61 -26.73
C LEU B 83 -6.10 -24.01 -26.29
N ASP B 84 -6.86 -24.71 -27.13
CA ASP B 84 -7.31 -26.07 -26.83
C ASP B 84 -6.14 -27.03 -26.71
N LYS B 85 -5.16 -26.90 -27.61
CA LYS B 85 -3.95 -27.71 -27.52
C LYS B 85 -3.19 -27.48 -26.23
N PHE B 86 -3.12 -26.24 -25.79
CA PHE B 86 -2.42 -25.92 -24.55
C PHE B 86 -3.12 -26.51 -23.32
N ILE B 87 -4.43 -26.31 -23.22
CA ILE B 87 -5.17 -26.77 -22.05
C ILE B 87 -5.08 -28.29 -21.99
N THR B 88 -5.20 -28.93 -23.14
CA THR B 88 -5.07 -30.37 -23.26
C THR B 88 -3.70 -30.84 -22.77
N ALA B 89 -2.65 -30.20 -23.26
CA ALA B 89 -1.28 -30.59 -22.94
C ALA B 89 -0.94 -30.30 -21.47
N ALA B 90 -1.47 -29.21 -20.95
CA ALA B 90 -1.26 -28.84 -19.55
C ALA B 90 -1.84 -29.86 -18.58
N LEU B 91 -3.07 -30.30 -18.84
CA LEU B 91 -3.74 -31.32 -18.03
C LEU B 91 -2.99 -32.65 -18.06
N ARG B 92 -2.51 -33.04 -19.24
CA ARG B 92 -1.77 -34.29 -19.38
C ARG B 92 -0.46 -34.25 -18.62
N SER B 93 0.14 -33.08 -18.53
CA SER B 93 1.46 -32.96 -17.95
C SER B 93 1.38 -33.01 -16.42
N LEU B 94 0.22 -32.67 -15.88
CA LEU B 94 0.05 -32.55 -14.45
C LEU B 94 -0.47 -33.82 -13.79
N ARG B 95 0.00 -34.09 -12.59
CA ARG B 95 -0.64 -35.06 -11.70
C ARG B 95 -1.98 -34.51 -11.27
N THR B 96 -2.89 -35.40 -10.89
CA THR B 96 -4.12 -34.98 -10.25
C THR B 96 -3.78 -34.19 -8.98
N ASP B 97 -4.50 -33.09 -8.77
CA ASP B 97 -4.25 -32.12 -7.69
C ASP B 97 -3.06 -31.21 -7.98
N GLY B 98 -2.45 -31.41 -9.13
CA GLY B 98 -1.35 -30.55 -9.55
C GLY B 98 -1.86 -29.15 -9.84
N VAL B 99 -1.00 -28.15 -9.69
CA VAL B 99 -1.42 -26.76 -9.78
C VAL B 99 -0.88 -26.11 -11.05
N LEU B 100 -1.74 -25.39 -11.75
CA LEU B 100 -1.28 -24.55 -12.87
C LEU B 100 -1.27 -23.09 -12.44
N ILE B 101 -0.12 -22.45 -12.56
CA ILE B 101 -0.02 -21.01 -12.37
C ILE B 101 0.24 -20.40 -13.73
N LEU B 102 -0.72 -19.63 -14.21
CA LEU B 102 -0.63 -19.08 -15.56
C LEU B 102 -0.64 -17.57 -15.51
N ARG B 103 0.43 -16.96 -16.01
CA ARG B 103 0.56 -15.52 -16.06
C ARG B 103 0.48 -15.09 -17.51
N GLN B 104 -0.46 -14.21 -17.83
CA GLN B 104 -0.55 -13.67 -19.17
C GLN B 104 -0.99 -12.22 -19.07
N ASP B 105 -0.24 -11.34 -19.71
CA ASP B 105 -0.59 -9.92 -19.77
C ASP B 105 -1.68 -9.71 -20.82
N LEU B 106 -2.80 -9.12 -20.41
CA LEU B 106 -3.90 -8.86 -21.34
C LEU B 106 -4.10 -7.39 -21.70
N SER B 107 -3.11 -6.56 -21.38
CA SER B 107 -3.20 -5.13 -21.60
C SER B 107 -3.16 -4.70 -23.08
N LYS B 108 -2.59 -5.54 -23.93
CA LYS B 108 -2.51 -5.28 -25.37
C LYS B 108 -3.64 -5.95 -26.15
N VAL B 109 -4.54 -6.58 -25.41
CA VAL B 109 -5.78 -7.15 -25.95
C VAL B 109 -6.96 -6.21 -25.77
N LYS B 110 -7.42 -5.63 -26.88
CA LYS B 110 -8.48 -4.63 -26.83
C LYS B 110 -9.82 -5.14 -26.27
N GLU B 111 -10.10 -6.43 -26.40
CA GLU B 111 -11.34 -6.96 -25.83
C GLU B 111 -11.24 -6.94 -24.31
N LYS B 113 -13.42 -7.84 -21.94
CA LYS B 113 -14.00 -9.00 -21.28
C LYS B 113 -13.09 -10.22 -21.37
N LYS B 114 -11.91 -10.04 -21.96
CA LYS B 114 -10.98 -11.13 -22.22
C LYS B 114 -10.63 -12.00 -21.00
N ALA B 116 -12.37 -12.52 -18.36
CA ALA B 116 -13.56 -13.26 -17.99
C ALA B 116 -13.81 -14.44 -18.93
N LEU B 118 -11.61 -16.07 -20.76
CA LEU B 118 -10.57 -17.06 -20.54
C LEU B 118 -10.86 -17.89 -19.30
N THR B 119 -11.25 -17.21 -18.23
CA THR B 119 -11.59 -17.87 -16.97
C THR B 119 -12.74 -18.87 -17.15
N ASP B 120 -13.78 -18.46 -17.89
CA ASP B 120 -14.91 -19.34 -18.16
C ASP B 120 -14.48 -20.54 -18.98
N TYR B 121 -13.59 -20.29 -19.93
CA TYR B 121 -13.10 -21.33 -20.83
C TYR B 121 -12.34 -22.39 -20.04
N PHE B 122 -11.49 -21.96 -19.11
CA PHE B 122 -10.72 -22.88 -18.29
C PHE B 122 -11.64 -23.69 -17.39
N ASP B 123 -12.69 -23.04 -16.88
CA ASP B 123 -13.57 -23.66 -15.91
C ASP B 123 -14.44 -24.73 -16.58
N VAL B 124 -14.69 -24.55 -17.87
CA VAL B 124 -15.62 -25.39 -18.61
C VAL B 124 -14.92 -26.55 -19.32
N PHE B 125 -13.65 -26.32 -19.72
CA PHE B 125 -12.91 -27.32 -20.50
C PHE B 125 -12.79 -28.68 -19.84
N ARG B 126 -13.07 -29.74 -20.60
CA ARG B 126 -12.95 -31.10 -20.10
C ARG B 126 -12.13 -31.95 -21.03
N LEU B 127 -11.30 -32.80 -20.46
CA LEU B 127 -10.50 -33.73 -21.26
C LEU B 127 -10.74 -35.14 -20.75
N GLU B 128 -10.98 -36.07 -21.65
CA GLU B 128 -11.10 -37.47 -21.28
C GLU B 128 -9.76 -38.01 -20.78
N GLU B 129 -9.78 -38.60 -19.59
CA GLU B 129 -8.59 -39.23 -19.03
C GLU B 129 -8.97 -40.47 -18.23
N GLY B 130 -8.55 -41.63 -18.73
CA GLY B 130 -8.95 -42.89 -18.13
C GLY B 130 -10.42 -43.14 -18.38
N ASN B 131 -11.15 -43.60 -17.37
CA ASN B 131 -12.56 -43.88 -17.57
C ASN B 131 -13.47 -42.75 -17.09
N GLY B 132 -12.90 -41.54 -17.05
CA GLY B 132 -13.65 -40.35 -16.71
C GLY B 132 -13.00 -39.14 -17.34
N ASN B 133 -13.36 -37.95 -16.86
CA ASN B 133 -12.77 -36.71 -17.36
C ASN B 133 -11.89 -36.04 -16.32
N VAL B 134 -11.01 -35.17 -16.80
CA VAL B 134 -10.26 -34.25 -15.96
C VAL B 134 -10.47 -32.83 -16.47
N GLY B 135 -10.22 -31.86 -15.60
CA GLY B 135 -10.38 -30.46 -15.95
C GLY B 135 -9.75 -29.64 -14.86
N PHE B 136 -9.80 -28.32 -14.99
CA PHE B 136 -9.24 -27.43 -13.98
C PHE B 136 -10.29 -26.91 -13.01
N GLN B 137 -10.02 -27.01 -11.71
CA GLN B 137 -10.86 -26.37 -10.72
C GLN B 137 -10.32 -24.97 -10.49
N PHE B 138 -11.22 -23.98 -10.44
CA PHE B 138 -10.80 -22.58 -10.28
C PHE B 138 -10.40 -22.26 -8.84
N TYR B 139 -9.29 -21.54 -8.68
CA TYR B 139 -8.91 -21.01 -7.36
C TYR B 139 -8.91 -19.49 -7.30
N ALA B 140 -8.18 -18.84 -8.20
CA ALA B 140 -8.10 -17.39 -8.22
C ALA B 140 -7.57 -16.83 -9.52
N VAL B 141 -7.86 -15.55 -9.76
CA VAL B 141 -7.15 -14.75 -10.74
C VAL B 141 -6.61 -13.54 -9.99
N ASN B 142 -5.31 -13.32 -10.05
CA ASN B 142 -4.71 -12.16 -9.42
C ASN B 142 -4.10 -11.22 -10.46
N GLU B 143 -3.87 -9.97 -10.06
CA GLU B 143 -3.08 -9.07 -10.87
C GLU B 143 -1.62 -9.18 -10.52
N VAL B 144 -0.74 -9.07 -11.51
CA VAL B 144 0.68 -8.94 -11.26
C VAL B 144 0.90 -7.54 -10.68
N LEU B 145 1.35 -7.48 -9.43
CA LEU B 145 1.40 -6.21 -8.72
C LEU B 145 2.52 -5.28 -9.19
N ASP B 146 3.63 -5.85 -9.63
CA ASP B 146 4.72 -5.05 -10.18
C ASP B 146 4.20 -4.22 -11.35
N SER B 147 3.30 -4.81 -12.12
CA SER B 147 2.79 -4.19 -13.33
C SER B 147 1.86 -3.02 -13.00
N VAL B 148 1.11 -3.16 -11.91
CA VAL B 148 0.28 -2.07 -11.43
C VAL B 148 1.13 -0.89 -10.96
N TYR B 149 2.15 -1.17 -10.14
CA TYR B 149 2.86 -0.10 -9.44
C TYR B 149 3.93 0.60 -10.27
N VAL B 150 4.46 -0.11 -11.26
CA VAL B 150 5.56 0.41 -12.08
C VAL B 150 5.08 0.79 -13.49
N HIS B 151 4.08 0.09 -14.01
CA HIS B 151 3.67 0.28 -15.39
C HIS B 151 2.23 0.73 -15.58
N GLN B 152 1.56 1.08 -14.48
CA GLN B 152 0.14 1.45 -14.51
C GLN B 152 -0.71 0.45 -15.31
N ASN B 153 -0.45 -0.84 -15.09
CA ASN B 153 -1.13 -1.90 -15.82
C ASN B 153 -1.88 -2.85 -14.88
N TRP B 154 -3.20 -2.83 -14.97
CA TRP B 154 -4.07 -3.62 -14.12
C TRP B 154 -4.56 -4.88 -14.83
N LEU B 155 -4.12 -5.09 -16.07
CA LEU B 155 -4.61 -6.23 -16.84
C LEU B 155 -3.54 -7.28 -17.04
N ASP B 156 -2.61 -7.36 -16.10
CA ASP B 156 -1.58 -8.39 -16.16
C ASP B 156 -2.00 -9.44 -15.14
N PHE B 157 -2.43 -10.60 -15.61
CA PHE B 157 -3.10 -11.55 -14.74
C PHE B 157 -2.34 -12.84 -14.41
N ILE B 158 -2.62 -13.39 -13.23
CA ILE B 158 -2.12 -14.69 -12.84
C ILE B 158 -3.31 -15.56 -12.48
N TRP B 159 -3.50 -16.67 -13.20
CA TRP B 159 -4.53 -17.63 -12.83
C TRP B 159 -3.92 -18.72 -11.98
N THR B 160 -4.63 -19.11 -10.93
CA THR B 160 -4.27 -20.28 -10.14
C THR B 160 -5.35 -21.33 -10.34
N LEU B 161 -4.97 -22.47 -10.92
CA LEU B 161 -5.93 -23.51 -11.21
C LEU B 161 -5.40 -24.88 -10.75
N LYS B 163 -5.82 -29.19 -11.28
CA LYS B 163 -6.37 -30.30 -12.06
C LYS B 163 -7.22 -31.21 -11.16
N LYS B 164 -8.42 -31.51 -11.62
CA LYS B 164 -9.32 -32.34 -10.82
C LYS B 164 -10.02 -33.33 -11.72
N PRO B 165 -10.46 -34.46 -11.14
CA PRO B 165 -11.28 -35.42 -11.89
C PRO B 165 -12.73 -34.97 -11.93
N PHE B 166 -13.40 -35.26 -13.04
CA PHE B 166 -14.81 -34.89 -13.21
C PHE B 166 -15.61 -36.04 -13.81
N PRO B 167 -16.88 -36.16 -13.41
CA PRO B 167 -17.82 -37.12 -14.02
C PRO B 167 -17.99 -36.81 -15.51
N LYS B 168 -18.63 -37.72 -16.23
CA LYS B 168 -18.76 -37.60 -17.68
C LYS B 168 -20.09 -36.95 -18.08
N GLY B 172 -26.68 -29.03 -15.45
CA GLY B 172 -26.70 -30.29 -14.73
C GLY B 172 -26.10 -30.19 -13.35
N VAL B 173 -24.91 -29.61 -13.27
CA VAL B 173 -24.28 -29.32 -11.98
C VAL B 173 -23.41 -28.06 -12.05
N VAL B 174 -24.01 -26.94 -11.65
CA VAL B 174 -23.45 -25.62 -11.90
C VAL B 174 -22.55 -25.15 -10.75
N SER B 175 -21.35 -24.66 -11.08
CA SER B 175 -20.43 -24.15 -10.07
C SER B 175 -21.00 -22.88 -9.46
N PHE B 176 -20.55 -22.55 -8.25
CA PHE B 176 -20.96 -21.32 -7.57
C PHE B 176 -20.63 -20.12 -8.47
N ARG B 177 -19.42 -20.11 -9.02
CA ARG B 177 -19.00 -19.03 -9.91
C ARG B 177 -19.89 -18.91 -11.16
N ASP B 178 -20.22 -20.04 -11.79
CA ASP B 178 -21.02 -20.04 -13.01
C ASP B 178 -22.46 -19.61 -12.77
N PHE B 179 -23.00 -20.00 -11.62
CA PHE B 179 -24.34 -19.59 -11.22
C PHE B 179 -24.44 -18.08 -11.14
N LEU B 180 -23.45 -17.45 -10.51
CA LEU B 180 -23.40 -16.01 -10.41
C LEU B 180 -23.35 -15.35 -11.79
N ASP B 181 -22.45 -15.83 -12.63
CA ASP B 181 -22.24 -15.24 -13.96
C ASP B 181 -23.38 -15.49 -14.96
N ARG B 182 -24.13 -16.57 -14.77
CA ARG B 182 -25.13 -16.98 -15.76
C ARG B 182 -26.57 -16.60 -15.39
N THR B 183 -26.77 -16.19 -14.14
CA THR B 183 -28.13 -15.91 -13.67
C THR B 183 -28.31 -14.47 -13.23
N GLN B 184 -27.98 -14.20 -11.98
CA GLN B 184 -28.21 -12.88 -11.41
C GLN B 184 -27.25 -11.83 -11.98
N TYR B 185 -25.99 -12.23 -12.17
CA TYR B 185 -24.97 -11.26 -12.58
C TYR B 185 -24.43 -11.52 -13.99
N THR B 186 -25.32 -11.73 -14.94
CA THR B 186 -25.00 -11.62 -16.35
C THR B 186 -24.62 -10.19 -16.69
N ASP B 187 -23.95 -9.99 -17.82
CA ASP B 187 -23.58 -8.66 -18.28
C ASP B 187 -24.76 -7.68 -18.44
N THR B 188 -25.83 -8.14 -19.08
CA THR B 188 -27.01 -7.29 -19.26
C THR B 188 -27.73 -6.92 -17.96
N GLY B 189 -27.82 -7.88 -17.05
CA GLY B 189 -28.37 -7.66 -15.73
C GLY B 189 -27.57 -6.63 -14.94
N ILE B 190 -26.26 -6.76 -15.03
CA ILE B 190 -25.33 -5.86 -14.35
C ILE B 190 -25.47 -4.41 -14.80
N PHE B 191 -25.46 -4.16 -16.11
CA PHE B 191 -25.53 -2.80 -16.60
C PHE B 191 -26.90 -2.19 -16.34
N ALA B 192 -27.92 -3.03 -16.31
CA ALA B 192 -29.26 -2.60 -15.94
C ALA B 192 -29.32 -2.22 -14.46
N TYR B 193 -28.68 -3.03 -13.60
CA TYR B 193 -28.57 -2.72 -12.18
C TYR B 193 -27.86 -1.40 -11.89
N GLU B 194 -26.71 -1.19 -12.54
CA GLU B 194 -25.94 0.05 -12.36
C GLU B 194 -26.78 1.26 -12.72
N TRP B 195 -27.62 1.11 -13.73
CA TRP B 195 -28.44 2.21 -14.19
C TRP B 195 -29.41 2.67 -13.08
N ILE B 196 -30.01 1.71 -12.38
CA ILE B 196 -30.96 2.05 -11.31
C ILE B 196 -30.28 2.42 -9.99
N PHE B 197 -29.20 1.72 -9.63
CA PHE B 197 -28.52 1.97 -8.37
C PHE B 197 -27.67 3.24 -8.45
N GLY B 198 -27.08 3.48 -9.61
CA GLY B 198 -26.22 4.63 -9.82
C GLY B 198 -24.88 4.20 -10.36
N ASN B 199 -24.23 5.10 -11.08
CA ASN B 199 -22.92 4.84 -11.69
C ASN B 199 -21.95 4.10 -10.76
N ASN B 200 -21.42 3.00 -11.26
CA ASN B 200 -20.42 2.17 -10.58
C ASN B 200 -20.92 1.36 -9.37
N PHE B 201 -22.22 1.41 -9.08
CA PHE B 201 -22.75 0.69 -7.94
C PHE B 201 -23.79 -0.37 -8.31
N ILE B 202 -23.78 -1.48 -7.58
CA ILE B 202 -24.80 -2.52 -7.72
C ILE B 202 -25.46 -2.72 -6.36
N SER B 203 -25.44 -1.67 -5.55
CA SER B 203 -25.98 -1.75 -4.20
C SER B 203 -26.93 -0.58 -3.96
N PRO B 204 -27.96 -0.79 -3.11
CA PRO B 204 -28.99 0.19 -2.77
C PRO B 204 -28.38 1.55 -2.39
N GLY B 205 -28.88 2.62 -3.00
CA GLY B 205 -28.55 3.96 -2.56
C GLY B 205 -27.34 4.57 -3.25
N GLY B 206 -26.62 3.76 -4.02
CA GLY B 206 -25.50 4.26 -4.79
C GLY B 206 -24.43 4.94 -3.98
N TRP B 207 -23.83 5.97 -4.56
CA TRP B 207 -22.65 6.63 -4.02
C TRP B 207 -22.91 7.23 -2.65
N ASN B 208 -23.99 7.99 -2.52
CA ASN B 208 -24.32 8.67 -1.29
C ASN B 208 -24.55 7.73 -0.11
N GLN B 209 -25.20 6.60 -0.37
CA GLN B 209 -25.50 5.64 0.68
C GLN B 209 -24.25 4.91 1.14
N ASN B 210 -23.43 4.50 0.19
CA ASN B 210 -22.20 3.80 0.52
C ASN B 210 -21.27 4.66 1.36
N LEU B 211 -21.28 5.97 1.10
CA LEU B 211 -20.47 6.91 1.85
C LEU B 211 -20.97 6.96 3.29
N ALA B 212 -22.29 6.94 3.44
CA ALA B 212 -22.91 6.96 4.77
C ALA B 212 -22.50 5.73 5.56
N ILE B 213 -22.44 4.58 4.89
CA ILE B 213 -22.01 3.33 5.50
C ILE B 213 -20.54 3.30 5.91
N LEU B 214 -19.68 3.79 5.01
CA LEU B 214 -18.25 3.81 5.28
C LEU B 214 -17.90 4.64 6.52
N LYS B 215 -18.67 5.70 6.73
CA LYS B 215 -18.47 6.57 7.87
C LYS B 215 -18.74 5.87 9.21
N ARG B 216 -19.50 4.80 9.20
CA ARG B 216 -19.81 4.07 10.42
C ARG B 216 -18.64 3.20 10.87
N PHE B 217 -17.56 3.20 10.09
CA PHE B 217 -16.31 2.59 10.53
C PHE B 217 -15.70 3.43 11.64
N GLY B 218 -16.09 4.70 11.72
CA GLY B 218 -15.43 5.63 12.59
C GLY B 218 -14.24 6.20 11.85
N PRO B 219 -13.28 6.79 12.59
CA PRO B 219 -12.11 7.42 12.00
C PRO B 219 -11.26 6.45 11.18
N LYS B 221 -7.79 6.35 8.43
CA LYS B 221 -6.66 7.17 8.05
C LYS B 221 -6.09 6.78 6.68
N THR B 222 -5.53 7.78 6.00
CA THR B 222 -4.88 7.57 4.72
C THR B 222 -3.86 6.45 4.85
N GLY B 223 -3.90 5.50 3.93
CA GLY B 223 -2.90 4.45 3.86
C GLY B 223 -3.25 3.17 4.59
N GLN B 224 -4.28 3.18 5.42
CA GLN B 224 -4.73 1.94 6.04
C GLN B 224 -5.25 0.95 4.99
N ARG B 225 -5.21 -0.35 5.31
CA ARG B 225 -5.53 -1.36 4.31
C ARG B 225 -6.92 -1.96 4.51
N LEU B 227 -9.92 -4.70 2.98
CA LEU B 227 -10.39 -5.79 2.13
C LEU B 227 -11.87 -5.59 1.86
N ASP B 228 -12.24 -5.53 0.59
CA ASP B 228 -13.64 -5.40 0.22
C ASP B 228 -14.12 -6.73 -0.36
N ILE B 229 -15.06 -7.37 0.33
CA ILE B 229 -15.57 -8.67 -0.09
C ILE B 229 -16.83 -8.51 -0.92
N GLY B 230 -16.81 -9.01 -2.15
CA GLY B 230 -17.96 -8.88 -3.03
C GLY B 230 -18.00 -7.49 -3.60
N VAL B 231 -16.89 -7.09 -4.20
CA VAL B 231 -16.67 -5.72 -4.59
C VAL B 231 -17.50 -5.33 -5.81
N GLY B 232 -18.11 -6.31 -6.47
CA GLY B 232 -19.01 -6.02 -7.58
C GLY B 232 -18.24 -5.35 -8.70
N ILE B 233 -18.76 -4.26 -9.24
CA ILE B 233 -18.07 -3.55 -10.32
C ILE B 233 -17.14 -2.43 -9.83
N GLY B 234 -16.92 -2.36 -8.52
CA GLY B 234 -15.77 -1.66 -7.99
C GLY B 234 -16.05 -0.28 -7.40
N GLY B 235 -17.28 0.19 -7.57
CA GLY B 235 -17.66 1.52 -7.15
C GLY B 235 -17.38 1.85 -5.70
N GLY B 236 -17.67 0.91 -4.82
CA GLY B 236 -17.45 1.09 -3.41
C GLY B 236 -15.98 1.18 -3.06
N ALA B 237 -15.17 0.29 -3.62
CA ALA B 237 -13.74 0.30 -3.38
C ALA B 237 -13.09 1.58 -3.87
N ARG B 238 -13.48 2.00 -5.07
CA ARG B 238 -12.91 3.19 -5.67
C ARG B 238 -13.28 4.40 -4.82
N GLN B 239 -14.47 4.37 -4.25
CA GLN B 239 -14.92 5.45 -3.37
C GLN B 239 -14.15 5.48 -2.06
N ALA B 240 -13.92 4.30 -1.49
CA ALA B 240 -13.12 4.20 -0.28
C ALA B 240 -11.71 4.76 -0.48
N ALA B 241 -11.11 4.47 -1.63
CA ALA B 241 -9.78 4.98 -1.93
C ALA B 241 -9.80 6.49 -2.17
N SER B 242 -10.74 6.96 -2.98
CA SER B 242 -10.75 8.35 -3.41
C SER B 242 -11.21 9.29 -2.29
N GLU B 243 -12.08 8.80 -1.42
CA GLU B 243 -12.61 9.66 -0.38
C GLU B 243 -11.76 9.64 0.89
N PHE B 244 -11.21 8.48 1.23
CA PHE B 244 -10.47 8.33 2.48
C PHE B 244 -8.98 8.02 2.31
N GLY B 245 -8.56 7.76 1.07
CA GLY B 245 -7.16 7.48 0.83
C GLY B 245 -6.73 6.11 1.33
N LEU B 246 -7.70 5.22 1.46
CA LEU B 246 -7.43 3.84 1.88
C LEU B 246 -6.79 3.05 0.75
N GLN B 247 -5.95 2.09 1.12
CA GLN B 247 -5.50 1.08 0.16
C GLN B 247 -6.51 -0.06 0.20
N VAL B 248 -7.11 -0.36 -0.95
CA VAL B 248 -8.24 -1.28 -0.99
C VAL B 248 -7.98 -2.44 -1.93
N HIS B 249 -8.17 -3.65 -1.42
CA HIS B 249 -8.09 -4.84 -2.24
C HIS B 249 -9.48 -5.42 -2.32
N GLY B 250 -10.03 -5.50 -3.52
CA GLY B 250 -11.39 -5.96 -3.68
C GLY B 250 -11.46 -7.35 -4.29
N VAL B 251 -12.34 -8.19 -3.75
CA VAL B 251 -12.51 -9.52 -4.30
C VAL B 251 -13.95 -9.77 -4.73
N ASP B 252 -14.11 -10.56 -5.78
CA ASP B 252 -15.42 -10.98 -6.22
C ASP B 252 -15.31 -12.31 -6.91
N LEU B 253 -16.35 -13.11 -6.79
CA LEU B 253 -16.33 -14.42 -7.39
C LEU B 253 -16.77 -14.29 -8.85
N SER B 254 -17.53 -13.25 -9.15
CA SER B 254 -18.05 -13.08 -10.50
C SER B 254 -17.02 -12.39 -11.37
N THR B 255 -16.60 -13.09 -12.42
CA THR B 255 -15.69 -12.54 -13.41
C THR B 255 -16.34 -11.45 -14.25
N ASN B 256 -17.64 -11.59 -14.47
CA ASN B 256 -18.44 -10.59 -15.16
C ASN B 256 -18.39 -9.23 -14.47
N LEU B 258 -16.06 -8.21 -12.06
CA LEU B 258 -14.70 -7.68 -11.90
C LEU B 258 -14.08 -7.20 -13.21
N ALA B 259 -14.52 -7.76 -14.33
CA ALA B 259 -14.10 -7.29 -15.63
C ALA B 259 -14.36 -5.80 -15.77
N VAL B 260 -15.51 -5.36 -15.26
CA VAL B 260 -15.88 -3.94 -15.33
C VAL B 260 -15.01 -3.12 -14.39
N ALA B 261 -14.84 -3.60 -13.15
CA ALA B 261 -14.01 -2.92 -12.16
C ALA B 261 -12.58 -2.75 -12.68
N LEU B 262 -12.05 -3.81 -13.28
CA LEU B 262 -10.68 -3.82 -13.75
C LEU B 262 -10.53 -2.89 -14.95
N GLU B 263 -11.49 -2.97 -15.86
CA GLU B 263 -11.47 -2.12 -17.05
C GLU B 263 -11.47 -0.67 -16.60
N ARG B 264 -12.27 -0.37 -15.59
CA ARG B 264 -12.44 1.02 -15.16
C ARG B 264 -11.22 1.52 -14.39
N VAL B 265 -10.63 0.68 -13.55
CA VAL B 265 -9.43 1.11 -12.84
C VAL B 265 -8.22 1.19 -13.75
N HIS B 266 -8.15 0.31 -14.74
CA HIS B 266 -7.06 0.32 -15.70
C HIS B 266 -7.07 1.60 -16.53
N LYS B 267 -8.27 2.08 -16.87
CA LYS B 267 -8.41 3.28 -17.67
C LYS B 267 -8.22 4.57 -16.88
N GLU B 268 -8.73 4.59 -15.65
CA GLU B 268 -8.79 5.80 -14.83
C GLU B 268 -7.54 5.94 -13.98
N LYS B 269 -6.99 4.79 -13.58
CA LYS B 269 -5.71 4.72 -12.90
C LYS B 269 -5.70 5.24 -11.45
N ASP B 270 -5.69 4.31 -10.50
CA ASP B 270 -5.54 4.62 -9.09
C ASP B 270 -4.80 3.47 -8.40
N ALA B 271 -3.53 3.68 -8.08
CA ALA B 271 -2.72 2.60 -7.52
C ALA B 271 -3.07 2.16 -6.11
N ARG B 272 -4.02 2.85 -5.49
CA ARG B 272 -4.50 2.40 -4.17
C ARG B 272 -5.44 1.21 -4.28
N VAL B 273 -5.90 0.90 -5.49
CA VAL B 273 -6.94 -0.11 -5.67
C VAL B 273 -6.49 -1.30 -6.51
N THR B 274 -6.68 -2.50 -5.98
CA THR B 274 -6.38 -3.71 -6.73
C THR B 274 -7.52 -4.70 -6.58
N TYR B 275 -7.59 -5.68 -7.47
CA TYR B 275 -8.72 -6.61 -7.50
C TYR B 275 -8.25 -8.03 -7.71
N ALA B 276 -9.05 -8.98 -7.23
CA ALA B 276 -8.79 -10.38 -7.48
C ALA B 276 -10.11 -11.13 -7.62
N VAL B 277 -10.16 -12.09 -8.55
CA VAL B 277 -11.30 -12.99 -8.62
C VAL B 277 -11.02 -14.16 -7.71
N CYS B 278 -11.86 -14.38 -6.72
CA CYS B 278 -11.73 -15.54 -5.85
C CYS B 278 -12.96 -15.66 -4.95
N ASP B 279 -13.11 -16.82 -4.31
CA ASP B 279 -14.20 -17.04 -3.38
C ASP B 279 -13.71 -16.68 -1.99
N ALA B 280 -14.32 -15.68 -1.38
CA ALA B 280 -13.84 -15.14 -0.11
C ALA B 280 -13.91 -16.15 1.05
N CYS B 281 -14.68 -17.23 0.91
CA CYS B 281 -14.74 -18.27 1.93
C CYS B 281 -13.58 -19.25 1.90
N GLU B 282 -12.79 -19.22 0.84
CA GLU B 282 -11.75 -20.23 0.64
C GLU B 282 -10.37 -19.62 0.48
N TYR B 283 -10.32 -18.43 -0.09
CA TYR B 283 -9.03 -17.84 -0.44
C TYR B 283 -8.16 -17.56 0.77
N GLU B 284 -6.85 -17.75 0.57
CA GLU B 284 -5.86 -17.59 1.63
C GLU B 284 -5.45 -16.12 1.73
N PHE B 285 -6.12 -15.35 2.57
CA PHE B 285 -5.70 -13.97 2.76
C PHE B 285 -4.51 -13.95 3.70
N GLU B 286 -3.67 -12.92 3.56
CA GLU B 286 -2.53 -12.80 4.44
C GLU B 286 -3.10 -12.49 5.82
N PRO B 287 -2.67 -13.25 6.83
CA PRO B 287 -3.25 -13.02 8.15
C PRO B 287 -2.76 -11.74 8.81
N ASN B 288 -3.60 -11.16 9.66
CA ASN B 288 -3.23 -10.03 10.46
C ASN B 288 -2.71 -8.87 9.61
N SER B 289 -3.34 -8.64 8.46
CA SER B 289 -2.80 -7.73 7.47
C SER B 289 -3.72 -6.57 7.13
N PHE B 290 -5.01 -6.73 7.38
CA PHE B 290 -5.97 -5.68 7.05
C PHE B 290 -6.42 -4.85 8.26
N ASP B 291 -6.46 -3.53 8.08
CA ASP B 291 -7.05 -2.66 9.09
C ASP B 291 -8.56 -2.80 9.09
N TYR B 292 -9.12 -3.02 7.91
CA TYR B 292 -10.57 -3.08 7.77
C TYR B 292 -10.97 -4.18 6.81
N VAL B 293 -12.11 -4.79 7.10
CA VAL B 293 -12.75 -5.67 6.14
C VAL B 293 -14.15 -5.14 5.94
N PHE B 294 -14.50 -4.91 4.68
CA PHE B 294 -15.77 -4.31 4.34
C PHE B 294 -16.52 -5.24 3.40
N SER B 295 -17.81 -5.42 3.64
CA SER B 295 -18.64 -6.19 2.74
C SER B 295 -20.02 -5.58 2.57
N ARG B 296 -20.34 -5.17 1.35
CA ARG B 296 -21.56 -4.45 1.11
C ARG B 296 -22.55 -5.28 0.30
N ASP B 297 -23.54 -5.82 1.01
CA ASP B 297 -24.65 -6.54 0.38
C ASP B 297 -24.19 -7.74 -0.43
N CYS B 298 -23.23 -8.48 0.11
CA CYS B 298 -22.71 -9.64 -0.59
C CYS B 298 -23.05 -10.96 0.08
N ILE B 299 -22.97 -11.01 1.40
CA ILE B 299 -22.84 -12.27 2.13
C ILE B 299 -24.15 -13.07 2.25
N GLN B 300 -25.26 -12.50 1.82
CA GLN B 300 -26.48 -13.29 1.69
C GLN B 300 -26.33 -14.39 0.63
N HIS B 301 -25.29 -14.28 -0.20
CA HIS B 301 -24.95 -15.30 -1.19
C HIS B 301 -24.20 -16.45 -0.55
N ILE B 302 -23.71 -16.22 0.66
CA ILE B 302 -22.76 -17.14 1.27
C ILE B 302 -23.40 -17.96 2.39
N LYS B 303 -23.41 -19.27 2.20
CA LYS B 303 -24.05 -20.16 3.17
C LYS B 303 -23.30 -20.27 4.47
N ASP B 304 -22.01 -20.58 4.39
CA ASP B 304 -21.23 -20.86 5.59
C ASP B 304 -20.70 -19.56 6.22
N THR B 305 -21.58 -18.84 6.91
CA THR B 305 -21.23 -17.60 7.58
C THR B 305 -20.16 -17.81 8.66
N ASP B 306 -20.27 -18.91 9.39
CA ASP B 306 -19.27 -19.25 10.41
C ASP B 306 -17.86 -19.29 9.82
N LYS B 307 -17.71 -19.98 8.69
CA LYS B 307 -16.41 -20.08 8.01
C LYS B 307 -15.92 -18.73 7.53
N LEU B 308 -16.84 -17.96 6.95
CA LEU B 308 -16.53 -16.64 6.42
C LEU B 308 -16.01 -15.75 7.52
N PHE B 309 -16.69 -15.76 8.65
CA PHE B 309 -16.32 -14.92 9.78
C PHE B 309 -14.96 -15.29 10.37
N SER B 310 -14.65 -16.58 10.41
CA SER B 310 -13.35 -17.00 10.90
C SER B 310 -12.22 -16.53 9.99
N ARG B 311 -12.46 -16.52 8.68
CA ARG B 311 -11.48 -16.04 7.73
C ARG B 311 -11.27 -14.54 7.83
N ILE B 312 -12.36 -13.80 8.04
CA ILE B 312 -12.29 -12.36 8.27
C ILE B 312 -11.50 -12.06 9.54
N TYR B 313 -11.83 -12.78 10.61
CA TYR B 313 -11.10 -12.61 11.87
C TYR B 313 -9.61 -12.84 11.67
N ARG B 314 -9.31 -13.90 10.93
CA ARG B 314 -7.93 -14.31 10.66
C ARG B 314 -7.21 -13.21 9.87
N ALA B 315 -7.92 -12.65 8.90
CA ALA B 315 -7.30 -11.68 8.00
C ALA B 315 -7.13 -10.30 8.62
N LEU B 316 -7.94 -9.96 9.62
CA LEU B 316 -7.81 -8.65 10.27
C LEU B 316 -6.58 -8.54 11.16
N LYS B 317 -5.97 -7.36 11.16
CA LYS B 317 -5.00 -7.03 12.19
C LYS B 317 -5.73 -6.99 13.53
N PRO B 318 -5.02 -7.33 14.62
CA PRO B 318 -5.55 -7.09 15.96
C PRO B 318 -5.98 -5.63 16.05
N GLY B 319 -7.18 -5.36 16.57
CA GLY B 319 -7.69 -4.01 16.62
C GLY B 319 -8.44 -3.58 15.37
N GLY B 320 -8.38 -4.42 14.33
CA GLY B 320 -9.04 -4.10 13.08
C GLY B 320 -10.56 -4.19 13.19
N LYS B 321 -11.26 -3.64 12.20
CA LYS B 321 -12.71 -3.54 12.27
C LYS B 321 -13.34 -4.17 11.04
N VAL B 322 -14.41 -4.92 11.25
CA VAL B 322 -15.19 -5.49 10.18
C VAL B 322 -16.52 -4.77 10.10
N LEU B 323 -16.98 -4.50 8.89
CA LEU B 323 -18.30 -3.90 8.74
C LEU B 323 -18.99 -4.53 7.55
N ILE B 324 -20.21 -5.02 7.77
CA ILE B 324 -20.95 -5.71 6.72
C ILE B 324 -22.38 -5.22 6.70
N THR B 325 -22.89 -5.01 5.49
CA THR B 325 -24.33 -4.89 5.31
C THR B 325 -24.80 -6.07 4.46
N TYR B 327 -28.59 -8.36 2.98
CA TYR B 327 -30.00 -8.71 3.02
C TYR B 327 -30.18 -9.73 4.14
N GLY B 328 -31.23 -9.61 4.92
CA GLY B 328 -31.51 -10.59 5.94
C GLY B 328 -32.97 -10.99 5.98
N VAL B 329 -33.29 -11.90 6.90
CA VAL B 329 -34.66 -12.32 7.08
C VAL B 329 -35.20 -11.73 8.37
N GLY B 330 -36.45 -11.27 8.34
CA GLY B 330 -37.06 -10.65 9.49
C GLY B 330 -37.74 -11.70 10.35
N HIS B 331 -38.61 -11.24 11.25
CA HIS B 331 -39.26 -12.15 12.18
C HIS B 331 -40.73 -12.30 11.85
N GLY B 332 -41.12 -11.77 10.70
CA GLY B 332 -42.49 -11.91 10.26
C GLY B 332 -42.74 -13.25 9.60
N THR B 333 -44.02 -13.54 9.39
CA THR B 333 -44.43 -14.75 8.69
C THR B 333 -44.03 -14.68 7.21
N LEU B 334 -43.24 -15.64 6.76
CA LEU B 334 -42.74 -15.61 5.39
C LEU B 334 -43.86 -15.89 4.39
N SER B 335 -43.95 -15.07 3.36
CA SER B 335 -44.93 -15.25 2.29
C SER B 335 -44.39 -16.18 1.23
N GLU B 336 -45.29 -16.85 0.51
CA GLU B 336 -44.89 -17.76 -0.56
C GLU B 336 -44.12 -17.03 -1.67
N SER B 337 -44.51 -15.80 -1.94
CA SER B 337 -43.85 -14.97 -2.94
C SER B 337 -42.41 -14.65 -2.55
N PHE B 338 -42.22 -14.34 -1.27
CA PHE B 338 -40.92 -14.03 -0.74
C PHE B 338 -39.99 -15.25 -0.74
N LYS B 339 -40.53 -16.41 -0.38
CA LYS B 339 -39.74 -17.65 -0.35
C LYS B 339 -39.26 -18.02 -1.74
N GLU B 340 -40.12 -17.80 -2.71
CA GLU B 340 -39.81 -18.03 -4.11
C GLU B 340 -38.74 -17.09 -4.62
N TYR B 341 -38.80 -15.85 -4.15
CA TYR B 341 -37.81 -14.83 -4.45
C TYR B 341 -36.45 -15.27 -3.88
N VAL B 342 -36.47 -15.73 -2.64
CA VAL B 342 -35.26 -16.17 -1.94
C VAL B 342 -34.63 -17.40 -2.59
N SER B 343 -35.45 -18.36 -3.00
CA SER B 343 -34.98 -19.60 -3.62
C SER B 343 -34.35 -19.40 -5.00
N GLN B 344 -34.94 -18.52 -5.79
CA GLN B 344 -34.44 -18.26 -7.14
C GLN B 344 -33.10 -17.53 -7.09
N ARG B 345 -32.91 -16.68 -6.10
CA ARG B 345 -31.64 -15.97 -5.92
C ARG B 345 -30.59 -16.84 -5.25
N GLN B 346 -31.04 -17.94 -4.63
CA GLN B 346 -30.19 -18.76 -3.75
C GLN B 346 -29.53 -17.99 -2.62
N TYR B 347 -30.28 -17.08 -2.01
CA TYR B 347 -29.78 -16.39 -0.83
C TYR B 347 -29.84 -17.30 0.38
N TYR B 348 -28.82 -17.22 1.23
CA TYR B 348 -28.81 -17.91 2.50
C TYR B 348 -28.95 -16.86 3.61
N LEU B 349 -30.18 -16.52 3.95
CA LEU B 349 -30.45 -15.43 4.88
C LEU B 349 -30.40 -15.81 6.34
N LYS B 350 -29.87 -14.90 7.14
CA LYS B 350 -29.85 -15.05 8.59
C LYS B 350 -30.51 -13.81 9.20
N ASN B 351 -30.87 -13.89 10.48
CA ASN B 351 -31.32 -12.71 11.21
C ASN B 351 -30.19 -12.15 12.06
N LEU B 352 -30.45 -11.04 12.74
CA LEU B 352 -29.40 -10.34 13.48
C LEU B 352 -28.93 -11.14 14.70
N GLU B 353 -29.87 -11.84 15.31
CA GLU B 353 -29.57 -12.67 16.46
C GLU B 353 -28.53 -13.71 16.07
N GLN B 354 -28.70 -14.29 14.88
CA GLN B 354 -27.82 -15.35 14.40
C GLN B 354 -26.43 -14.78 14.07
N ILE B 355 -26.42 -13.60 13.45
CA ILE B 355 -25.18 -12.92 13.11
C ILE B 355 -24.37 -12.59 14.35
N GLU B 356 -25.05 -12.09 15.38
CA GLU B 356 -24.36 -11.75 16.61
C GLU B 356 -23.77 -12.99 17.27
N GLU B 357 -24.54 -14.08 17.25
CA GLU B 357 -24.10 -15.35 17.80
C GLU B 357 -22.81 -15.85 17.16
N ILE B 358 -22.77 -15.84 15.84
CA ILE B 358 -21.59 -16.29 15.09
C ILE B 358 -20.39 -15.39 15.36
N ALA B 359 -20.64 -14.09 15.42
CA ALA B 359 -19.55 -13.14 15.62
C ALA B 359 -18.94 -13.30 17.00
N LYS B 360 -19.79 -13.55 17.99
CA LYS B 360 -19.31 -13.80 19.35
C LYS B 360 -18.47 -15.06 19.40
N LYS B 361 -18.97 -16.11 18.74
CA LYS B 361 -18.27 -17.39 18.68
C LYS B 361 -16.91 -17.29 18.00
N THR B 362 -16.85 -16.49 16.94
CA THR B 362 -15.62 -16.26 16.18
C THR B 362 -14.59 -15.49 17.02
N GLY B 363 -15.07 -14.67 17.96
CA GLY B 363 -14.19 -13.96 18.86
C GLY B 363 -14.19 -12.45 18.70
N PHE B 364 -15.10 -11.94 17.87
CA PHE B 364 -15.26 -10.51 17.70
C PHE B 364 -15.83 -9.86 18.97
N ILE B 365 -15.45 -8.60 19.17
CA ILE B 365 -15.96 -7.74 20.25
C ILE B 365 -16.61 -6.47 19.68
N ASP B 366 -17.18 -5.61 20.51
CA ASP B 366 -17.88 -4.37 20.05
C ASP B 366 -18.83 -4.68 18.94
N ILE B 367 -19.68 -5.67 19.13
CA ILE B 367 -20.56 -6.03 18.05
C ILE B 367 -21.66 -4.99 18.05
N GLU B 368 -21.86 -4.40 16.89
CA GLU B 368 -22.96 -3.50 16.67
C GLU B 368 -23.84 -4.14 15.60
N VAL B 369 -25.14 -4.22 15.88
CA VAL B 369 -26.08 -4.68 14.86
C VAL B 369 -27.22 -3.68 14.71
N GLU B 370 -27.72 -3.52 13.50
CA GLU B 370 -28.83 -2.62 13.26
C GLU B 370 -29.77 -3.13 12.17
N ASN B 371 -31.06 -2.98 12.42
CA ASN B 371 -32.06 -3.27 11.42
C ASN B 371 -32.25 -1.98 10.62
N THR B 373 -33.81 -1.60 7.80
CA THR B 373 -34.92 -1.78 6.86
C THR B 373 -35.71 -0.49 6.54
N PRO B 374 -35.89 0.41 7.54
CA PRO B 374 -36.60 1.65 7.18
C PRO B 374 -35.85 2.48 6.13
N ARG B 375 -34.52 2.50 6.20
CA ARG B 375 -33.73 3.16 5.18
C ARG B 375 -33.86 2.46 3.85
N PHE B 376 -33.84 1.14 3.90
CA PHE B 376 -34.00 0.30 2.72
C PHE B 376 -35.31 0.68 2.01
N LYS B 377 -36.36 0.90 2.82
CA LYS B 377 -37.68 1.28 2.31
C LYS B 377 -37.67 2.63 1.57
N GLU B 378 -37.02 3.62 2.17
CA GLU B 378 -36.90 4.94 1.57
C GLU B 378 -36.20 4.88 0.22
N ILE B 379 -35.14 4.08 0.16
CA ILE B 379 -34.36 3.93 -1.06
C ILE B 379 -35.16 3.33 -2.20
N LEU B 380 -35.91 2.28 -1.90
CA LEU B 380 -36.73 1.62 -2.90
C LEU B 380 -37.76 2.57 -3.49
N LEU B 381 -38.36 3.35 -2.61
CA LEU B 381 -39.37 4.33 -2.99
C LEU B 381 -38.72 5.40 -3.86
N GLU B 382 -37.55 5.84 -3.44
CA GLU B 382 -36.79 6.86 -4.14
C GLU B 382 -36.33 6.30 -5.49
N GLU B 383 -35.73 5.12 -5.48
CA GLU B 383 -35.28 4.45 -6.72
C GLU B 383 -36.40 4.28 -7.73
N ARG B 384 -37.56 3.85 -7.25
CA ARG B 384 -38.71 3.57 -8.11
C ARG B 384 -39.29 4.81 -8.79
N GLU B 385 -39.29 5.93 -8.09
CA GLU B 385 -39.77 7.17 -8.70
C GLU B 385 -38.86 7.61 -9.85
N ARG B 386 -37.58 7.23 -9.81
CA ARG B 386 -36.65 7.59 -10.88
C ARG B 386 -36.86 6.84 -12.20
N ILE B 387 -36.99 5.52 -12.12
CA ILE B 387 -37.31 4.69 -13.30
C ILE B 387 -38.64 5.06 -13.96
N GLU B 388 -39.70 5.15 -13.15
CA GLU B 388 -41.03 5.52 -13.66
C GLU B 388 -40.97 6.85 -14.40
N GLN B 389 -40.13 7.75 -13.93
CA GLN B 389 -40.02 9.09 -14.50
C GLN B 389 -39.14 9.11 -15.75
N ASP B 390 -38.06 8.34 -15.71
CA ASP B 390 -37.05 8.29 -16.78
C ASP B 390 -37.18 7.09 -17.71
N LYS B 391 -38.39 6.52 -17.78
CA LYS B 391 -38.72 5.41 -18.68
C LYS B 391 -38.08 5.50 -20.07
N GLU B 392 -38.28 6.63 -20.73
CA GLU B 392 -37.81 6.85 -22.09
C GLU B 392 -36.29 6.72 -22.30
N THR B 393 -35.51 7.17 -21.33
CA THR B 393 -34.06 7.08 -21.42
C THR B 393 -33.56 5.64 -21.26
N PHE B 394 -34.28 4.85 -20.47
CA PHE B 394 -33.93 3.45 -20.25
C PHE B 394 -34.09 2.59 -21.50
N LEU B 395 -35.21 2.77 -22.19
CA LEU B 395 -35.52 1.94 -23.34
C LEU B 395 -34.60 2.15 -24.54
N ALA B 396 -33.82 3.24 -24.52
CA ALA B 396 -32.84 3.45 -25.57
C ALA B 396 -31.61 2.55 -25.39
N LYS B 397 -31.38 2.06 -24.18
CA LYS B 397 -30.16 1.31 -23.89
C LYS B 397 -30.45 -0.17 -23.64
N PHE B 398 -31.53 -0.47 -22.92
CA PHE B 398 -31.86 -1.85 -22.59
C PHE B 398 -33.26 -2.19 -23.09
N SER B 399 -33.62 -3.46 -22.98
CA SER B 399 -34.90 -3.94 -23.49
C SER B 399 -36.09 -3.62 -22.58
N GLN B 400 -37.28 -3.80 -23.13
CA GLN B 400 -38.54 -3.67 -22.40
C GLN B 400 -38.61 -4.73 -21.32
N ASN B 401 -38.08 -5.91 -21.65
CA ASN B 401 -38.07 -7.05 -20.74
C ASN B 401 -37.28 -6.73 -19.48
N ALA B 402 -36.17 -6.01 -19.64
CA ALA B 402 -35.37 -5.58 -18.51
C ALA B 402 -36.17 -4.59 -17.66
N TYR B 403 -36.83 -3.65 -18.33
CA TYR B 403 -37.64 -2.65 -17.64
C TYR B 403 -38.77 -3.22 -16.78
N ASP B 404 -39.58 -4.09 -17.36
CA ASP B 404 -40.69 -4.69 -16.62
C ASP B 404 -40.18 -5.50 -15.43
N GLY B 405 -39.03 -6.15 -15.63
CA GLY B 405 -38.40 -6.93 -14.58
C GLY B 405 -37.94 -6.06 -13.43
N LEU B 406 -37.55 -4.84 -13.74
CA LEU B 406 -37.19 -3.87 -12.71
C LEU B 406 -38.42 -3.39 -11.96
N VAL B 407 -39.46 -3.04 -12.72
CA VAL B 407 -40.71 -2.55 -12.14
C VAL B 407 -41.41 -3.57 -11.23
N SER B 408 -41.58 -4.79 -11.73
CA SER B 408 -42.26 -5.81 -10.95
C SER B 408 -41.48 -6.27 -9.73
N GLY B 409 -40.16 -6.31 -9.88
CA GLY B 409 -39.29 -6.71 -8.79
C GLY B 409 -39.30 -5.76 -7.61
N TRP B 410 -39.28 -4.47 -7.93
CA TRP B 410 -39.23 -3.42 -6.93
C TRP B 410 -40.58 -3.31 -6.24
N LYS B 411 -41.64 -3.47 -7.02
CA LYS B 411 -42.99 -3.57 -6.50
C LYS B 411 -43.06 -4.70 -5.48
N SER B 412 -42.48 -5.84 -5.83
CA SER B 412 -42.48 -7.03 -4.97
C SER B 412 -41.74 -6.88 -3.63
N LYS B 413 -40.55 -6.28 -3.65
CA LYS B 413 -39.78 -6.06 -2.42
C LYS B 413 -40.47 -5.21 -1.35
N LEU B 414 -41.22 -4.19 -1.76
CA LEU B 414 -41.97 -3.37 -0.82
C LEU B 414 -42.97 -4.19 0.00
N GLN B 415 -43.65 -5.12 -0.65
CA GLN B 415 -44.54 -6.02 0.06
C GLN B 415 -43.75 -6.97 0.97
N TYR B 416 -42.57 -7.38 0.52
CA TYR B 416 -41.71 -8.25 1.34
C TYR B 416 -41.28 -7.53 2.63
N ILE B 417 -41.02 -6.23 2.53
CA ILE B 417 -40.69 -5.41 3.68
C ILE B 417 -41.91 -5.31 4.59
N ALA B 418 -43.07 -5.08 3.96
CA ALA B 418 -44.33 -4.92 4.65
C ALA B 418 -44.68 -6.14 5.50
N ASP B 419 -44.34 -7.31 4.99
CA ASP B 419 -44.61 -8.55 5.73
C ASP B 419 -43.53 -8.83 6.76
N ASP B 420 -42.55 -7.94 6.84
CA ASP B 420 -41.36 -8.15 7.66
C ASP B 420 -40.66 -9.46 7.32
N ASN B 421 -40.61 -9.78 6.04
CA ASN B 421 -39.83 -10.91 5.58
C ASN B 421 -38.42 -10.48 5.26
N HIS B 422 -38.32 -9.43 4.45
CA HIS B 422 -37.04 -8.93 3.96
C HIS B 422 -36.51 -7.83 4.87
N ASN B 423 -35.32 -8.05 5.42
CA ASN B 423 -34.68 -7.02 6.23
C ASN B 423 -33.34 -6.66 5.61
N TRP B 424 -32.83 -5.49 5.98
CA TRP B 424 -31.54 -5.02 5.52
C TRP B 424 -30.72 -4.78 6.77
N ASN B 425 -29.70 -5.60 6.98
CA ASN B 425 -29.00 -5.63 8.26
C ASN B 425 -27.60 -5.06 8.23
N PHE B 426 -27.22 -4.48 9.37
CA PHE B 426 -25.89 -3.90 9.53
C PHE B 426 -25.16 -4.66 10.64
N PHE B 427 -23.89 -4.97 10.40
CA PHE B 427 -23.08 -5.57 11.45
C PHE B 427 -21.70 -4.96 11.44
N ALA B 428 -21.21 -4.57 12.62
CA ALA B 428 -19.81 -4.17 12.75
C ALA B 428 -19.25 -4.74 14.03
N ALA B 429 -17.94 -4.95 14.07
CA ALA B 429 -17.27 -5.46 15.25
C ALA B 429 -15.78 -5.29 15.11
N VAL B 430 -15.04 -5.49 16.19
CA VAL B 430 -13.59 -5.34 16.14
C VAL B 430 -12.86 -6.59 16.62
N LYS B 431 -11.68 -6.83 16.08
CA LYS B 431 -10.81 -7.91 16.51
C LYS B 431 -9.97 -7.40 17.68
N PRO B 432 -9.90 -8.18 18.78
CA PRO B 432 -9.24 -7.69 20.00
C PRO B 432 -7.76 -7.31 19.83
N GLN B 433 -7.32 -6.29 20.60
CA GLN B 433 -5.92 -5.84 20.80
C GLN B 433 -5.53 -4.53 20.09
#